data_1RZ9
#
_entry.id   1RZ9
#
_cell.length_a   78.671
_cell.length_b   131.706
_cell.length_c   82.164
_cell.angle_alpha   90.00
_cell.angle_beta   112.68
_cell.angle_gamma   90.00
#
_symmetry.space_group_name_H-M   'P 1 21 1'
#
loop_
_entity.id
_entity.type
_entity.pdbx_description
1 polymer 26-MER
2 polymer 26-MER
3 polymer 'Rep protein'
#
loop_
_entity_poly.entity_id
_entity_poly.type
_entity_poly.pdbx_seq_one_letter_code
_entity_poly.pdbx_strand_id
1 'polydeoxyribonucleotide'
;(DC)(DG)(DC)(DG)(DT)(DT)(DC)(DG)(DC)(DT)(DC)(DG)(DC)(DT)(DC)(DG)(DC)(DT)(DG)(DG)
(DC)(DT)(DC)(DG)(DT)(DG)
;
F
2 'polydeoxyribonucleotide'
;(DC)(DA)(DC)(DG)(DA)(DG)(DC)(DC)(DA)(DG)(DC)(DG)(DA)(DG)(DC)(DG)(DA)(DG)(DC)(DG)
(DA)(DA)(DC)(DG)(DC)(DG)
;
G
3 'polypeptide(L)'
;MATFYEVIVRVPFDVEEHLPGISDSFVDWVTGQIWELPPESDLNLTLVEQPQLTVADRIRRVFLYEWNKFSKQESKFFVQ
FEKGSEYFHLHTLVETSGISSMVLGRYVSQIRAQLVKVVFQGIEPQINDWVAITKVKKGGANKVVDSGYIPAYLLPKVQP
ELQWAWTNLDEYKLAALNLEERKRLVAQFLAESSQRS
;
A,B,C,D,E
#
# COMPACT_ATOMS: atom_id res chain seq x y z
N MET C 1 36.25 -6.59 -10.07
CA MET C 1 35.79 -7.85 -10.73
C MET C 1 35.04 -7.58 -12.04
N ALA C 2 34.62 -8.64 -12.72
CA ALA C 2 33.93 -8.48 -13.99
C ALA C 2 32.45 -8.18 -13.84
N THR C 3 32.06 -7.03 -14.36
CA THR C 3 30.67 -6.59 -14.31
C THR C 3 30.16 -6.43 -15.75
N PHE C 4 28.89 -6.77 -15.98
CA PHE C 4 28.31 -6.66 -17.32
C PHE C 4 26.95 -5.97 -17.42
N TYR C 5 26.74 -5.35 -18.57
CA TYR C 5 25.50 -4.68 -18.89
C TYR C 5 24.70 -5.67 -19.74
N GLU C 6 23.38 -5.56 -19.75
CA GLU C 6 22.58 -6.47 -20.57
C GLU C 6 21.69 -5.68 -21.53
N VAL C 7 21.89 -5.97 -22.82
CA VAL C 7 21.14 -5.35 -23.91
C VAL C 7 20.42 -6.46 -24.68
N ILE C 8 19.09 -6.46 -24.63
CA ILE C 8 18.32 -7.46 -25.34
C ILE C 8 17.87 -6.93 -26.69
N VAL C 9 18.16 -7.69 -27.75
CA VAL C 9 17.78 -7.29 -29.12
C VAL C 9 16.86 -8.36 -29.70
N ARG C 10 15.69 -7.92 -30.19
CA ARG C 10 14.72 -8.84 -30.79
C ARG C 10 15.09 -9.10 -32.24
N VAL C 11 15.03 -10.35 -32.68
CA VAL C 11 15.38 -10.67 -34.07
C VAL C 11 14.16 -10.69 -35.00
N PRO C 12 14.03 -9.65 -35.86
CA PRO C 12 12.94 -9.48 -36.83
C PRO C 12 13.01 -10.59 -37.89
N PHE C 13 12.66 -11.82 -37.48
CA PHE C 13 12.71 -12.99 -38.36
C PHE C 13 11.92 -12.89 -39.68
N ASP C 14 10.80 -12.19 -39.67
CA ASP C 14 10.00 -12.08 -40.89
C ASP C 14 10.31 -10.83 -41.74
N VAL C 15 10.62 -11.08 -43.01
CA VAL C 15 10.94 -10.04 -43.99
C VAL C 15 9.92 -8.91 -44.08
N GLU C 16 8.82 -9.14 -44.79
CA GLU C 16 7.77 -8.13 -44.98
C GLU C 16 7.07 -7.69 -43.69
N GLU C 17 6.68 -8.65 -42.84
CA GLU C 17 5.99 -8.35 -41.59
C GLU C 17 6.80 -7.45 -40.64
N HIS C 18 8.11 -7.64 -40.61
CA HIS C 18 8.97 -6.86 -39.74
C HIS C 18 9.77 -5.80 -40.48
N LEU C 19 10.32 -6.15 -41.65
CA LEU C 19 11.12 -5.20 -42.42
C LEU C 19 10.54 -4.87 -43.80
N PRO C 20 9.39 -4.16 -43.83
CA PRO C 20 8.78 -3.79 -45.10
C PRO C 20 9.63 -2.79 -45.87
N GLY C 21 9.98 -3.16 -47.10
CA GLY C 21 10.79 -2.28 -47.91
C GLY C 21 12.14 -2.88 -48.17
N ILE C 22 12.52 -3.91 -47.41
CA ILE C 22 13.81 -4.58 -47.58
C ILE C 22 13.94 -5.21 -48.99
N SER C 23 15.15 -5.21 -49.55
CA SER C 23 15.42 -5.78 -50.88
C SER C 23 15.51 -7.32 -50.81
N ASP C 24 15.83 -7.96 -51.93
CA ASP C 24 15.95 -9.43 -51.97
C ASP C 24 17.33 -9.88 -51.51
N SER C 25 18.36 -9.12 -51.89
CA SER C 25 19.74 -9.45 -51.50
C SER C 25 19.81 -9.83 -50.02
N PHE C 26 18.90 -9.26 -49.24
CA PHE C 26 18.83 -9.53 -47.81
C PHE C 26 18.28 -10.94 -47.59
N VAL C 27 17.09 -11.17 -48.11
CA VAL C 27 16.43 -12.46 -47.99
C VAL C 27 17.31 -13.60 -48.52
N ASP C 28 18.08 -13.33 -49.57
CA ASP C 28 18.96 -14.36 -50.12
C ASP C 28 20.14 -14.60 -49.19
N TRP C 29 20.66 -13.52 -48.63
CA TRP C 29 21.79 -13.59 -47.70
C TRP C 29 21.49 -14.48 -46.50
N VAL C 30 20.40 -14.19 -45.80
CA VAL C 30 20.02 -14.98 -44.62
C VAL C 30 19.86 -16.45 -44.96
N THR C 31 19.51 -16.71 -46.21
CA THR C 31 19.31 -18.08 -46.68
C THR C 31 20.64 -18.73 -47.07
N GLY C 32 21.45 -18.00 -47.84
CA GLY C 32 22.74 -18.50 -48.29
C GLY C 32 23.78 -18.56 -47.20
N GLN C 33 23.35 -19.02 -46.02
CA GLN C 33 24.23 -19.15 -44.88
C GLN C 33 23.84 -20.38 -44.10
N ILE C 34 24.66 -21.43 -44.22
CA ILE C 34 24.40 -22.69 -43.55
C ILE C 34 25.19 -22.84 -42.25
N TRP C 35 24.49 -23.12 -41.16
CA TRP C 35 25.14 -23.28 -39.88
C TRP C 35 25.52 -24.73 -39.63
N GLU C 36 26.68 -24.90 -38.99
CA GLU C 36 27.22 -26.22 -38.66
C GLU C 36 27.68 -26.29 -37.21
N LEU C 37 27.23 -27.33 -36.50
CA LEU C 37 27.58 -27.55 -35.10
C LEU C 37 29.01 -28.04 -34.91
N PRO C 38 29.84 -27.26 -34.16
CA PRO C 38 31.24 -27.63 -33.91
C PRO C 38 31.35 -28.98 -33.19
N PRO C 39 32.52 -29.63 -33.32
CA PRO C 39 32.79 -30.94 -32.72
C PRO C 39 32.33 -31.11 -31.28
N GLU C 40 32.80 -30.23 -30.41
CA GLU C 40 32.46 -30.30 -28.99
C GLU C 40 30.98 -30.06 -28.64
N SER C 41 30.17 -29.68 -29.62
CA SER C 41 28.75 -29.42 -29.33
C SER C 41 28.00 -30.70 -29.09
N ASP C 42 26.70 -30.59 -28.90
CA ASP C 42 25.90 -31.78 -28.68
C ASP C 42 24.44 -31.43 -28.85
N LEU C 43 24.23 -30.25 -29.44
CA LEU C 43 22.90 -29.71 -29.68
C LEU C 43 22.23 -30.35 -30.88
N ASN C 44 20.91 -30.41 -30.83
CA ASN C 44 20.11 -30.95 -31.91
C ASN C 44 19.93 -29.85 -32.95
N LEU C 45 20.77 -29.88 -34.00
CA LEU C 45 20.74 -28.86 -35.06
C LEU C 45 19.35 -28.63 -35.71
N THR C 46 18.51 -29.66 -35.65
CA THR C 46 17.17 -29.62 -36.22
C THR C 46 16.33 -28.58 -35.48
N LEU C 47 16.71 -28.29 -34.25
CA LEU C 47 15.98 -27.33 -33.41
C LEU C 47 16.61 -25.93 -33.39
N VAL C 48 17.45 -25.65 -34.39
CA VAL C 48 18.12 -24.36 -34.48
C VAL C 48 17.65 -23.59 -35.74
N GLU C 49 16.67 -22.71 -35.57
CA GLU C 49 16.15 -21.93 -36.69
C GLU C 49 17.31 -21.18 -37.36
N GLN C 50 17.91 -21.78 -38.39
CA GLN C 50 19.06 -21.19 -39.08
C GLN C 50 18.88 -19.80 -39.69
N PRO C 51 17.74 -19.54 -40.37
CA PRO C 51 17.46 -18.25 -41.00
C PRO C 51 17.57 -17.12 -39.96
N GLN C 52 16.91 -17.30 -38.82
CA GLN C 52 16.96 -16.30 -37.76
C GLN C 52 18.37 -16.16 -37.24
N LEU C 53 18.96 -17.29 -36.84
CA LEU C 53 20.32 -17.32 -36.31
C LEU C 53 21.31 -16.53 -37.17
N THR C 54 21.13 -16.63 -38.49
CA THR C 54 21.99 -15.92 -39.45
C THR C 54 21.91 -14.41 -39.23
N VAL C 55 20.69 -13.93 -38.91
CA VAL C 55 20.46 -12.51 -38.66
C VAL C 55 21.00 -12.15 -37.28
N ALA C 56 20.60 -12.92 -36.27
CA ALA C 56 21.05 -12.72 -34.90
C ALA C 56 22.58 -12.63 -34.85
N ASP C 57 23.25 -13.48 -35.62
CA ASP C 57 24.71 -13.48 -35.66
C ASP C 57 25.25 -12.13 -36.14
N ARG C 58 24.77 -11.68 -37.29
CA ARG C 58 25.20 -10.41 -37.85
C ARG C 58 25.02 -9.32 -36.79
N ILE C 59 23.83 -9.30 -36.20
CA ILE C 59 23.50 -8.33 -35.15
C ILE C 59 24.64 -8.32 -34.14
N ARG C 60 24.84 -9.47 -33.50
CA ARG C 60 25.86 -9.70 -32.48
C ARG C 60 27.24 -9.24 -32.89
N ARG C 61 27.59 -9.53 -34.13
CA ARG C 61 28.89 -9.15 -34.61
C ARG C 61 29.01 -7.65 -34.60
N VAL C 62 28.15 -6.99 -35.36
CA VAL C 62 28.14 -5.53 -35.47
C VAL C 62 28.09 -4.89 -34.09
N PHE C 63 27.27 -5.45 -33.22
CA PHE C 63 27.14 -4.93 -31.86
C PHE C 63 28.48 -4.93 -31.14
N LEU C 64 29.06 -6.12 -30.95
CA LEU C 64 30.35 -6.26 -30.28
C LEU C 64 31.36 -5.37 -30.94
N TYR C 65 31.44 -5.46 -32.26
CA TYR C 65 32.41 -4.65 -32.99
C TYR C 65 32.28 -3.20 -32.64
N GLU C 66 31.09 -2.67 -32.91
CA GLU C 66 30.83 -1.27 -32.65
C GLU C 66 31.03 -0.94 -31.18
N TRP C 67 30.74 -1.90 -30.30
CA TRP C 67 30.93 -1.68 -28.87
C TRP C 67 32.41 -1.52 -28.52
N ASN C 68 33.26 -2.44 -28.98
CA ASN C 68 34.69 -2.36 -28.69
C ASN C 68 35.31 -1.04 -29.09
N LYS C 69 34.65 -0.34 -30.00
CA LYS C 69 35.07 0.97 -30.49
C LYS C 69 34.98 1.97 -29.32
N PHE C 70 33.98 1.79 -28.47
CA PHE C 70 33.77 2.65 -27.32
C PHE C 70 34.66 2.18 -26.17
N SER C 71 34.48 0.94 -25.75
CA SER C 71 35.27 0.38 -24.66
C SER C 71 36.78 0.52 -24.90
N LYS C 72 37.15 0.79 -26.14
CA LYS C 72 38.55 0.94 -26.47
C LYS C 72 39.32 -0.32 -26.11
N GLN C 73 38.66 -1.47 -26.15
CA GLN C 73 39.33 -2.72 -25.81
C GLN C 73 38.55 -3.94 -26.27
N GLU C 74 39.06 -5.11 -25.90
CA GLU C 74 38.43 -6.38 -26.24
C GLU C 74 37.47 -6.72 -25.10
N SER C 75 36.25 -6.22 -25.16
CA SER C 75 35.27 -6.47 -24.09
C SER C 75 34.82 -7.94 -23.97
N LYS C 76 35.01 -8.54 -22.78
CA LYS C 76 34.60 -9.92 -22.51
C LYS C 76 33.09 -9.92 -22.61
N PHE C 77 32.52 -10.91 -23.28
CA PHE C 77 31.08 -10.91 -23.46
C PHE C 77 30.48 -12.31 -23.44
N PHE C 78 29.18 -12.40 -23.64
CA PHE C 78 28.52 -13.69 -23.66
C PHE C 78 27.13 -13.56 -24.23
N VAL C 79 27.01 -13.78 -25.54
CA VAL C 79 25.73 -13.65 -26.21
C VAL C 79 24.98 -14.96 -26.29
N GLN C 80 23.70 -14.96 -26.00
CA GLN C 80 22.91 -16.18 -26.11
C GLN C 80 21.65 -15.93 -26.93
N PHE C 81 21.53 -16.61 -28.07
CA PHE C 81 20.36 -16.45 -28.90
C PHE C 81 19.22 -17.27 -28.32
N GLU C 82 18.10 -16.63 -28.05
CA GLU C 82 16.94 -17.32 -27.48
C GLU C 82 15.69 -17.19 -28.35
N LYS C 83 14.78 -18.14 -28.20
CA LYS C 83 13.53 -18.14 -28.95
C LYS C 83 12.40 -18.31 -27.94
N GLY C 84 11.58 -17.27 -27.81
CA GLY C 84 10.49 -17.31 -26.86
C GLY C 84 9.10 -17.31 -27.45
N SER C 85 8.12 -17.06 -26.57
CA SER C 85 6.71 -17.03 -26.95
C SER C 85 6.36 -15.90 -27.92
N GLU C 86 7.06 -14.78 -27.81
CA GLU C 86 6.81 -13.61 -28.67
C GLU C 86 7.67 -13.67 -29.92
N TYR C 87 8.98 -13.65 -29.71
CA TYR C 87 9.93 -13.71 -30.80
C TYR C 87 11.38 -13.94 -30.35
N PHE C 88 12.28 -14.13 -31.32
CA PHE C 88 13.68 -14.36 -31.05
C PHE C 88 14.33 -13.10 -30.50
N HIS C 89 15.25 -13.27 -29.54
CA HIS C 89 15.94 -12.14 -28.95
C HIS C 89 17.34 -12.48 -28.41
N LEU C 90 18.33 -11.69 -28.83
CA LEU C 90 19.72 -11.88 -28.40
C LEU C 90 20.01 -11.37 -27.01
N HIS C 91 20.37 -12.27 -26.11
CA HIS C 91 20.72 -11.82 -24.78
C HIS C 91 22.19 -11.50 -24.86
N THR C 92 22.55 -10.24 -24.70
CA THR C 92 23.94 -9.86 -24.79
C THR C 92 24.49 -9.34 -23.47
N LEU C 93 25.68 -9.83 -23.11
CA LEU C 93 26.34 -9.40 -21.88
C LEU C 93 27.73 -8.88 -22.14
N VAL C 94 27.92 -7.56 -22.06
CA VAL C 94 29.24 -6.96 -22.26
C VAL C 94 29.74 -6.40 -20.92
N GLU C 95 31.06 -6.34 -20.77
CA GLU C 95 31.62 -5.82 -19.53
C GLU C 95 31.64 -4.31 -19.57
N THR C 96 31.16 -3.73 -18.47
CA THR C 96 31.06 -2.29 -18.26
C THR C 96 32.35 -1.51 -18.48
N SER C 97 33.48 -2.14 -18.20
CA SER C 97 34.77 -1.49 -18.35
C SER C 97 34.81 -0.55 -19.57
N GLY C 98 34.72 0.76 -19.33
CA GLY C 98 34.79 1.71 -20.43
C GLY C 98 33.52 2.47 -20.79
N ILE C 99 32.41 2.06 -20.20
CA ILE C 99 31.16 2.72 -20.45
C ILE C 99 30.44 2.97 -19.14
N SER C 100 30.41 4.24 -18.78
CA SER C 100 29.73 4.68 -17.58
C SER C 100 28.23 4.63 -17.85
N SER C 101 27.52 4.03 -16.91
CA SER C 101 26.09 3.84 -16.93
C SER C 101 25.34 5.13 -17.34
N MET C 102 25.95 6.28 -17.04
CA MET C 102 25.37 7.55 -17.36
C MET C 102 25.35 7.77 -18.85
N VAL C 103 26.22 7.05 -19.55
CA VAL C 103 26.29 7.21 -21.00
C VAL C 103 26.15 5.95 -21.86
N LEU C 104 25.85 4.83 -21.22
CA LEU C 104 25.66 3.59 -21.94
C LEU C 104 24.67 3.87 -23.06
N GLY C 105 23.41 4.07 -22.66
CA GLY C 105 22.35 4.38 -23.60
C GLY C 105 22.57 5.42 -24.69
N ARG C 106 23.56 6.29 -24.50
CA ARG C 106 23.81 7.28 -25.53
C ARG C 106 24.60 6.57 -26.61
N TYR C 107 25.25 5.46 -26.25
CA TYR C 107 26.06 4.67 -27.17
C TYR C 107 25.25 3.57 -27.87
N VAL C 108 24.36 2.92 -27.12
CA VAL C 108 23.52 1.87 -27.67
C VAL C 108 22.68 2.40 -28.81
N SER C 109 22.29 3.67 -28.69
CA SER C 109 21.51 4.36 -29.69
C SER C 109 22.39 4.65 -30.91
N GLN C 110 23.70 4.48 -30.72
CA GLN C 110 24.68 4.68 -31.79
C GLN C 110 24.80 3.33 -32.47
N ILE C 111 24.82 2.27 -31.67
CA ILE C 111 24.92 0.95 -32.24
C ILE C 111 23.61 0.63 -32.93
N ARG C 112 22.48 0.84 -32.25
CA ARG C 112 21.21 0.55 -32.88
C ARG C 112 21.17 1.20 -34.28
N ALA C 113 21.48 2.49 -34.35
CA ALA C 113 21.47 3.18 -35.65
C ALA C 113 22.34 2.47 -36.69
N GLN C 114 23.43 1.87 -36.20
CA GLN C 114 24.39 1.15 -37.03
C GLN C 114 23.86 -0.21 -37.50
N LEU C 115 23.20 -0.93 -36.59
CA LEU C 115 22.66 -2.21 -36.96
C LEU C 115 21.78 -1.94 -38.14
N VAL C 116 20.84 -1.02 -37.98
CA VAL C 116 19.94 -0.72 -39.08
C VAL C 116 20.68 -0.50 -40.40
N LYS C 117 21.62 0.43 -40.44
CA LYS C 117 22.34 0.74 -41.69
C LYS C 117 23.11 -0.44 -42.30
N VAL C 118 23.75 -1.23 -41.46
CA VAL C 118 24.53 -2.35 -41.93
C VAL C 118 23.69 -3.60 -42.14
N VAL C 119 23.20 -4.15 -41.05
CA VAL C 119 22.40 -5.35 -41.13
C VAL C 119 21.09 -5.22 -41.92
N PHE C 120 20.24 -4.25 -41.59
CA PHE C 120 18.96 -4.11 -42.28
C PHE C 120 18.88 -3.06 -43.39
N GLN C 121 20.02 -2.69 -43.97
CA GLN C 121 20.06 -1.71 -45.06
C GLN C 121 19.16 -0.48 -44.80
N GLY C 122 19.47 0.28 -43.76
CA GLY C 122 18.69 1.47 -43.44
C GLY C 122 17.19 1.31 -43.26
N ILE C 123 16.75 0.11 -42.88
CA ILE C 123 15.33 -0.13 -42.70
C ILE C 123 15.00 -0.34 -41.22
N GLU C 124 14.15 0.52 -40.68
CA GLU C 124 13.76 0.42 -39.28
C GLU C 124 12.80 -0.76 -39.04
N PRO C 125 13.29 -1.81 -38.37
CA PRO C 125 12.47 -2.98 -38.06
C PRO C 125 11.21 -2.56 -37.31
N GLN C 126 10.04 -2.94 -37.83
CA GLN C 126 8.78 -2.61 -37.17
C GLN C 126 8.51 -3.45 -35.91
N ILE C 127 9.48 -3.47 -34.99
CA ILE C 127 9.32 -4.21 -33.74
C ILE C 127 9.51 -3.24 -32.58
N ASN C 128 8.62 -3.38 -31.60
CA ASN C 128 8.61 -2.52 -30.41
C ASN C 128 9.78 -2.82 -29.47
N ASP C 129 10.65 -1.83 -29.29
CA ASP C 129 11.82 -1.97 -28.42
C ASP C 129 12.65 -3.18 -28.81
N TRP C 130 13.17 -3.20 -30.02
CA TRP C 130 13.94 -4.34 -30.44
C TRP C 130 15.39 -4.33 -29.91
N VAL C 131 15.74 -3.28 -29.17
CA VAL C 131 17.06 -3.11 -28.59
C VAL C 131 16.87 -2.42 -27.26
N ALA C 132 16.55 -3.17 -26.22
CA ALA C 132 16.33 -2.56 -24.92
C ALA C 132 17.39 -2.89 -23.87
N ILE C 133 17.84 -1.84 -23.17
CA ILE C 133 18.84 -1.97 -22.13
C ILE C 133 18.21 -2.44 -20.83
N THR C 134 18.78 -3.50 -20.25
CA THR C 134 18.23 -4.01 -19.01
C THR C 134 18.50 -3.05 -17.86
N LYS C 135 17.40 -2.53 -17.31
CA LYS C 135 17.42 -1.59 -16.19
C LYS C 135 17.11 -2.35 -14.90
N VAL C 136 17.34 -1.74 -13.75
CA VAL C 136 17.03 -2.37 -12.47
C VAL C 136 15.52 -2.39 -12.34
N LYS C 137 14.89 -1.42 -12.97
CA LYS C 137 13.45 -1.32 -12.97
C LYS C 137 13.12 -0.15 -13.84
N LYS C 138 11.83 0.04 -14.11
CA LYS C 138 11.43 1.14 -14.96
C LYS C 138 11.75 2.46 -14.27
N GLY C 139 12.71 3.18 -14.85
CA GLY C 139 13.14 4.44 -14.30
C GLY C 139 14.35 4.21 -13.43
N GLY C 140 14.74 2.95 -13.31
CA GLY C 140 15.90 2.56 -12.52
C GLY C 140 17.13 2.71 -13.37
N ALA C 141 18.30 2.46 -12.81
CA ALA C 141 19.46 2.63 -13.65
C ALA C 141 19.92 1.33 -14.24
N ASN C 142 20.86 1.44 -15.16
CA ASN C 142 21.38 0.27 -15.81
C ASN C 142 21.79 -0.78 -14.79
N LYS C 143 21.10 -1.93 -14.86
CA LYS C 143 21.26 -3.08 -13.97
C LYS C 143 22.63 -3.50 -13.51
N VAL C 144 23.45 -3.97 -14.45
CA VAL C 144 24.82 -4.48 -14.18
C VAL C 144 24.97 -5.67 -13.22
N VAL C 145 25.26 -6.84 -13.80
CA VAL C 145 25.45 -8.09 -13.07
C VAL C 145 26.88 -8.62 -13.25
N ASP C 146 27.23 -9.62 -12.45
CA ASP C 146 28.56 -10.23 -12.54
C ASP C 146 28.52 -11.59 -13.26
N SER C 147 29.70 -12.12 -13.59
CA SER C 147 29.84 -13.39 -14.29
C SER C 147 28.79 -14.41 -13.84
N GLY C 148 28.51 -14.44 -12.54
CA GLY C 148 27.55 -15.38 -12.00
C GLY C 148 26.20 -15.45 -12.67
N TYR C 149 25.82 -14.34 -13.31
CA TYR C 149 24.55 -14.26 -14.01
C TYR C 149 24.43 -15.30 -15.13
N ILE C 150 25.55 -15.58 -15.81
CA ILE C 150 25.56 -16.54 -16.92
C ILE C 150 25.06 -17.93 -16.55
N PRO C 151 25.73 -18.58 -15.60
CA PRO C 151 25.25 -19.91 -15.23
C PRO C 151 23.92 -19.86 -14.49
N ALA C 152 23.64 -18.72 -13.87
CA ALA C 152 22.41 -18.58 -13.08
C ALA C 152 21.13 -18.47 -13.87
N TYR C 153 21.15 -17.74 -14.98
CA TYR C 153 19.93 -17.57 -15.76
C TYR C 153 20.05 -17.93 -17.23
N LEU C 154 21.24 -17.77 -17.78
CA LEU C 154 21.48 -18.06 -19.20
C LEU C 154 21.77 -19.54 -19.55
N LEU C 155 22.67 -20.17 -18.82
CA LEU C 155 23.03 -21.57 -19.09
C LEU C 155 21.91 -22.61 -18.98
N PRO C 156 21.07 -22.51 -17.93
CA PRO C 156 19.97 -23.46 -17.71
C PRO C 156 19.02 -23.63 -18.91
N LYS C 157 19.01 -22.66 -19.81
CA LYS C 157 18.16 -22.73 -20.99
C LYS C 157 18.52 -23.92 -21.87
N VAL C 158 17.50 -24.64 -22.33
CA VAL C 158 17.67 -25.81 -23.21
C VAL C 158 16.74 -25.71 -24.42
N GLN C 159 17.16 -26.23 -25.56
CA GLN C 159 16.36 -26.19 -26.78
C GLN C 159 14.95 -26.66 -26.50
N PRO C 160 13.97 -26.18 -27.28
CA PRO C 160 14.13 -25.23 -28.39
C PRO C 160 14.36 -23.78 -27.95
N GLU C 161 14.03 -23.48 -26.69
CA GLU C 161 14.21 -22.13 -26.13
C GLU C 161 15.64 -21.66 -26.43
N LEU C 162 16.62 -22.50 -26.14
CA LEU C 162 18.00 -22.16 -26.41
C LEU C 162 18.22 -22.42 -27.90
N GLN C 163 18.92 -21.51 -28.56
CA GLN C 163 19.19 -21.64 -29.99
C GLN C 163 20.69 -21.66 -30.28
N TRP C 164 21.43 -20.75 -29.67
CA TRP C 164 22.87 -20.63 -29.90
C TRP C 164 23.52 -19.73 -28.84
N ALA C 165 24.85 -19.70 -28.83
CA ALA C 165 25.57 -18.89 -27.87
C ALA C 165 26.95 -18.55 -28.39
N TRP C 166 27.55 -17.49 -27.83
CA TRP C 166 28.89 -17.10 -28.24
C TRP C 166 29.54 -16.68 -26.94
N THR C 167 30.83 -16.41 -26.96
CA THR C 167 31.54 -15.98 -25.74
C THR C 167 33.05 -16.13 -25.82
N ASN C 168 33.76 -15.04 -25.52
CA ASN C 168 35.23 -15.04 -25.54
C ASN C 168 35.75 -15.25 -24.13
N LEU C 169 34.80 -15.56 -23.26
CA LEU C 169 35.08 -15.81 -21.86
C LEU C 169 35.35 -17.31 -21.78
N ASP C 170 36.64 -17.64 -21.63
CA ASP C 170 37.15 -19.01 -21.56
C ASP C 170 36.33 -19.94 -20.64
N GLU C 171 36.11 -19.52 -19.40
CA GLU C 171 35.35 -20.32 -18.45
C GLU C 171 34.04 -20.90 -19.02
N TYR C 172 33.48 -20.30 -20.07
CA TYR C 172 32.24 -20.84 -20.64
C TYR C 172 32.28 -21.16 -22.15
N LYS C 173 33.47 -21.17 -22.74
CA LYS C 173 33.58 -21.45 -24.18
C LYS C 173 33.01 -22.81 -24.58
N LEU C 174 32.98 -23.75 -23.66
CA LEU C 174 32.45 -25.08 -23.95
C LEU C 174 30.99 -25.14 -23.59
N ALA C 175 30.60 -24.40 -22.56
CA ALA C 175 29.20 -24.39 -22.11
C ALA C 175 28.31 -23.69 -23.14
N ALA C 176 28.95 -22.97 -24.07
CA ALA C 176 28.26 -22.24 -25.12
C ALA C 176 27.27 -23.12 -25.91
N LEU C 177 27.80 -24.10 -26.65
CA LEU C 177 26.95 -24.98 -27.43
C LEU C 177 26.92 -26.42 -26.91
N ASN C 178 27.03 -26.60 -25.59
CA ASN C 178 26.99 -27.95 -25.03
C ASN C 178 26.15 -28.10 -23.77
N LEU C 179 24.92 -28.59 -23.96
CA LEU C 179 23.97 -28.83 -22.88
C LEU C 179 24.57 -29.61 -21.71
N GLU C 180 25.57 -30.44 -22.00
CA GLU C 180 26.20 -31.24 -20.95
C GLU C 180 27.11 -30.35 -20.11
N GLU C 181 28.04 -29.68 -20.77
CA GLU C 181 28.94 -28.79 -20.09
C GLU C 181 28.11 -27.87 -19.20
N ARG C 182 27.10 -27.24 -19.80
CA ARG C 182 26.24 -26.33 -19.06
C ARG C 182 25.71 -26.99 -17.79
N LYS C 183 24.91 -28.03 -17.97
CA LYS C 183 24.34 -28.74 -16.84
C LYS C 183 25.35 -28.86 -15.69
N ARG C 184 26.62 -29.06 -16.05
CA ARG C 184 27.68 -29.20 -15.05
C ARG C 184 27.87 -27.94 -14.26
N LEU C 185 28.26 -26.89 -14.96
CA LEU C 185 28.50 -25.59 -14.37
C LEU C 185 27.25 -25.11 -13.64
N VAL C 186 26.09 -25.32 -14.26
CA VAL C 186 24.82 -24.91 -13.66
C VAL C 186 24.61 -25.58 -12.31
N ALA C 187 25.08 -26.81 -12.19
CA ALA C 187 24.96 -27.56 -10.93
C ALA C 187 25.96 -26.99 -9.96
N GLN C 188 27.22 -26.96 -10.39
CA GLN C 188 28.29 -26.43 -9.59
C GLN C 188 27.85 -25.13 -8.95
N PHE C 189 27.35 -24.22 -9.79
CA PHE C 189 26.88 -22.91 -9.34
C PHE C 189 25.86 -23.00 -8.20
N LEU C 190 24.81 -23.78 -8.41
CA LEU C 190 23.76 -23.93 -7.42
C LEU C 190 24.32 -24.50 -6.10
N ALA C 191 25.51 -25.08 -6.18
CA ALA C 191 26.16 -25.67 -5.02
C ALA C 191 26.91 -24.63 -4.20
N GLU C 192 27.90 -24.03 -4.83
CA GLU C 192 28.73 -23.01 -4.19
C GLU C 192 27.94 -21.72 -3.91
N SER C 193 26.92 -21.82 -3.07
CA SER C 193 26.11 -20.67 -2.71
C SER C 193 25.14 -20.98 -1.55
N MET D 1 -1.42 29.63 3.77
CA MET D 1 -0.81 29.72 5.13
C MET D 1 0.64 29.22 5.06
N ALA D 2 1.31 29.21 6.19
CA ALA D 2 2.70 28.76 6.27
C ALA D 2 2.83 27.25 6.53
N THR D 3 3.40 26.54 5.56
CA THR D 3 3.60 25.11 5.64
C THR D 3 5.10 24.85 5.57
N PHE D 4 5.58 23.85 6.32
CA PHE D 4 7.00 23.52 6.37
C PHE D 4 7.37 22.06 6.14
N TYR D 5 8.57 21.85 5.66
CA TYR D 5 9.10 20.52 5.45
C TYR D 5 9.98 20.30 6.66
N GLU D 6 10.32 19.07 6.98
CA GLU D 6 11.19 18.83 8.12
C GLU D 6 12.42 18.06 7.73
N VAL D 7 13.60 18.62 7.91
CA VAL D 7 14.81 17.88 7.56
C VAL D 7 15.69 17.66 8.77
N ILE D 8 15.82 16.43 9.22
CA ILE D 8 16.63 16.18 10.39
C ILE D 8 18.08 15.87 10.05
N VAL D 9 19.01 16.56 10.70
CA VAL D 9 20.41 16.33 10.44
C VAL D 9 21.11 16.00 11.74
N ARG D 10 21.91 14.93 11.76
CA ARG D 10 22.65 14.57 12.98
C ARG D 10 23.82 15.56 13.09
N VAL D 11 24.66 15.39 14.09
CA VAL D 11 25.81 16.27 14.23
C VAL D 11 27.04 15.41 14.47
N PRO D 12 27.89 15.27 13.44
CA PRO D 12 29.14 14.50 13.46
C PRO D 12 30.16 15.17 14.39
N PHE D 13 29.91 15.06 15.69
CA PHE D 13 30.75 15.66 16.73
C PHE D 13 32.05 14.91 17.10
N ASP D 14 32.54 14.04 16.21
CA ASP D 14 33.74 13.26 16.50
C ASP D 14 34.75 13.12 15.35
N VAL D 15 35.87 13.84 15.49
CA VAL D 15 36.96 13.84 14.51
C VAL D 15 37.55 12.46 14.20
N GLU D 16 37.70 11.62 15.21
CA GLU D 16 38.27 10.28 15.02
C GLU D 16 37.23 9.17 14.95
N GLU D 17 35.98 9.53 15.21
CA GLU D 17 34.91 8.53 15.15
C GLU D 17 33.90 8.76 14.04
N HIS D 18 33.61 10.03 13.75
CA HIS D 18 32.63 10.36 12.71
C HIS D 18 33.25 10.95 11.45
N LEU D 19 34.31 11.74 11.61
CA LEU D 19 34.96 12.32 10.44
C LEU D 19 36.42 11.91 10.32
N PRO D 20 36.67 10.64 9.98
CA PRO D 20 38.05 10.20 9.85
C PRO D 20 38.70 10.80 8.61
N GLY D 21 39.86 11.45 8.83
CA GLY D 21 40.60 12.06 7.74
C GLY D 21 40.59 13.57 7.81
N ILE D 22 39.68 14.12 8.60
CA ILE D 22 39.55 15.57 8.75
C ILE D 22 40.87 16.15 9.26
N SER D 23 41.15 17.40 8.87
CA SER D 23 42.37 18.07 9.28
C SER D 23 42.19 18.65 10.68
N ASP D 24 43.19 19.43 11.12
CA ASP D 24 43.18 20.08 12.43
C ASP D 24 42.44 21.41 12.37
N SER D 25 42.69 22.18 11.31
CA SER D 25 42.03 23.47 11.14
C SER D 25 40.55 23.37 11.50
N PHE D 26 39.95 22.19 11.27
CA PHE D 26 38.54 21.97 11.59
C PHE D 26 38.37 21.88 13.10
N VAL D 27 39.14 20.97 13.72
CA VAL D 27 39.07 20.76 15.15
C VAL D 27 39.37 22.05 15.92
N ASP D 28 40.20 22.92 15.33
CA ASP D 28 40.55 24.19 15.96
C ASP D 28 39.42 25.20 15.82
N TRP D 29 38.75 25.16 14.67
CA TRP D 29 37.63 26.03 14.37
C TRP D 29 36.47 25.84 15.36
N VAL D 30 35.99 24.61 15.49
CA VAL D 30 34.88 24.29 16.40
C VAL D 30 35.18 24.70 17.84
N THR D 31 36.46 24.71 18.18
CA THR D 31 36.92 25.07 19.53
C THR D 31 37.02 26.59 19.68
N GLY D 32 37.69 27.23 18.72
CA GLY D 32 37.85 28.68 18.76
C GLY D 32 36.56 29.43 18.51
N GLN D 33 35.47 28.93 19.08
CA GLN D 33 34.17 29.56 18.92
C GLN D 33 33.42 29.47 20.25
N ILE D 34 33.33 30.61 20.93
CA ILE D 34 32.67 30.69 22.23
C ILE D 34 31.25 31.25 22.15
N TRP D 35 30.28 30.45 22.57
CA TRP D 35 28.89 30.87 22.55
C TRP D 35 28.48 31.65 23.79
N GLU D 36 27.62 32.65 23.58
CA GLU D 36 27.13 33.48 24.66
C GLU D 36 25.62 33.63 24.57
N LEU D 37 24.96 33.50 25.70
CA LEU D 37 23.51 33.63 25.76
C LEU D 37 23.04 35.08 25.68
N PRO D 38 22.13 35.38 24.74
CA PRO D 38 21.61 36.73 24.58
C PRO D 38 20.89 37.17 25.84
N PRO D 39 20.76 38.48 26.05
CA PRO D 39 20.07 39.04 27.21
C PRO D 39 18.73 38.39 27.57
N GLU D 40 17.78 38.39 26.63
CA GLU D 40 16.44 37.84 26.86
C GLU D 40 16.38 36.34 27.17
N SER D 41 17.50 35.64 27.04
CA SER D 41 17.52 34.20 27.32
C SER D 41 17.36 33.90 28.81
N ASP D 42 17.44 32.62 29.15
CA ASP D 42 17.33 32.21 30.54
C ASP D 42 17.78 30.75 30.64
N LEU D 43 18.52 30.32 29.64
CA LEU D 43 19.01 28.95 29.63
C LEU D 43 20.27 28.80 30.42
N ASN D 44 20.51 27.57 30.89
CA ASN D 44 21.72 27.25 31.65
C ASN D 44 22.79 26.94 30.62
N LEU D 45 23.63 27.91 30.31
CA LEU D 45 24.68 27.72 29.33
C LEU D 45 25.64 26.56 29.66
N THR D 46 25.67 26.14 30.92
CA THR D 46 26.55 25.03 31.32
C THR D 46 26.08 23.75 30.65
N LEU D 47 24.79 23.70 30.33
CA LEU D 47 24.17 22.54 29.70
C LEU D 47 24.12 22.64 28.17
N VAL D 48 24.96 23.51 27.60
CA VAL D 48 24.98 23.72 26.16
C VAL D 48 26.31 23.33 25.54
N GLU D 49 26.37 22.10 25.04
CA GLU D 49 27.57 21.56 24.41
C GLU D 49 28.01 22.49 23.27
N GLN D 50 28.87 23.44 23.61
CA GLN D 50 29.37 24.41 22.65
C GLN D 50 30.07 23.84 21.42
N PRO D 51 30.98 22.86 21.58
CA PRO D 51 31.67 22.30 20.42
C PRO D 51 30.69 21.77 19.35
N GLN D 52 29.65 21.05 19.79
CA GLN D 52 28.65 20.52 18.86
C GLN D 52 27.83 21.64 18.25
N LEU D 53 27.38 22.55 19.12
CA LEU D 53 26.58 23.72 18.70
C LEU D 53 27.30 24.54 17.62
N THR D 54 28.61 24.61 17.70
CA THR D 54 29.39 25.34 16.70
C THR D 54 29.23 24.68 15.33
N VAL D 55 29.19 23.34 15.31
CA VAL D 55 29.04 22.61 14.06
C VAL D 55 27.58 22.75 13.66
N ALA D 56 26.67 22.38 14.55
CA ALA D 56 25.24 22.49 14.28
C ALA D 56 24.87 23.84 13.66
N ASP D 57 25.49 24.92 14.13
CA ASP D 57 25.19 26.24 13.59
C ASP D 57 25.61 26.36 12.14
N ARG D 58 26.87 26.04 11.84
CA ARG D 58 27.42 26.08 10.48
C ARG D 58 26.50 25.27 9.57
N ILE D 59 26.13 24.09 10.03
CA ILE D 59 25.23 23.25 9.28
C ILE D 59 24.00 24.07 8.95
N ARG D 60 23.31 24.54 9.98
CA ARG D 60 22.11 25.33 9.80
C ARG D 60 22.28 26.48 8.81
N ARG D 61 23.34 27.26 8.97
CA ARG D 61 23.57 28.37 8.07
C ARG D 61 23.62 27.89 6.64
N VAL D 62 24.62 27.09 6.32
CA VAL D 62 24.75 26.60 4.95
C VAL D 62 23.44 26.05 4.44
N PHE D 63 22.73 25.32 5.28
CA PHE D 63 21.49 24.75 4.86
C PHE D 63 20.57 25.83 4.39
N LEU D 64 20.15 26.69 5.32
CA LEU D 64 19.24 27.78 4.99
C LEU D 64 19.67 28.55 3.75
N TYR D 65 20.93 29.00 3.74
CA TYR D 65 21.46 29.76 2.62
C TYR D 65 21.22 29.04 1.32
N GLU D 66 21.76 27.84 1.23
CA GLU D 66 21.62 27.04 0.02
C GLU D 66 20.14 26.89 -0.33
N TRP D 67 19.31 26.68 0.68
CA TRP D 67 17.90 26.52 0.44
C TRP D 67 17.28 27.74 -0.19
N ASN D 68 17.53 28.93 0.36
CA ASN D 68 16.92 30.13 -0.22
C ASN D 68 17.29 30.27 -1.70
N LYS D 69 18.40 29.66 -2.11
CA LYS D 69 18.87 29.70 -3.49
C LYS D 69 17.81 29.04 -4.38
N PHE D 70 17.12 28.06 -3.80
CA PHE D 70 16.12 27.34 -4.54
C PHE D 70 14.81 28.07 -4.42
N SER D 71 14.40 28.32 -3.17
CA SER D 71 13.13 29.00 -2.88
C SER D 71 13.02 30.39 -3.51
N LYS D 72 14.16 30.92 -3.93
CA LYS D 72 14.21 32.24 -4.55
C LYS D 72 13.62 33.29 -3.64
N GLN D 73 13.69 33.05 -2.34
CA GLN D 73 13.18 34.00 -1.36
C GLN D 73 13.72 33.75 0.04
N GLU D 74 13.27 34.58 0.97
CA GLU D 74 13.65 34.46 2.36
C GLU D 74 12.68 33.46 2.99
N SER D 75 13.09 32.19 3.04
CA SER D 75 12.26 31.15 3.58
C SER D 75 12.10 31.17 5.10
N LYS D 76 10.85 31.31 5.54
CA LYS D 76 10.58 31.35 6.97
C LYS D 76 11.01 30.02 7.57
N PHE D 77 11.68 30.06 8.72
CA PHE D 77 12.14 28.82 9.31
C PHE D 77 12.13 28.72 10.83
N PHE D 78 12.66 27.61 11.33
CA PHE D 78 12.75 27.33 12.74
C PHE D 78 13.60 26.10 13.03
N VAL D 79 14.86 26.34 13.32
CA VAL D 79 15.77 25.27 13.61
C VAL D 79 15.98 25.07 15.10
N GLN D 80 15.93 23.83 15.56
CA GLN D 80 16.14 23.55 16.97
C GLN D 80 17.23 22.49 17.14
N PHE D 81 18.36 22.86 17.73
CA PHE D 81 19.45 21.91 17.94
C PHE D 81 19.12 21.05 19.12
N GLU D 82 19.01 19.74 18.92
CA GLU D 82 18.68 18.84 20.03
C GLU D 82 19.77 17.81 20.33
N LYS D 83 19.77 17.30 21.55
CA LYS D 83 20.73 16.28 21.98
C LYS D 83 19.98 15.04 22.50
N GLY D 84 20.07 13.94 21.76
CA GLY D 84 19.35 12.74 22.16
C GLY D 84 20.17 11.57 22.71
N SER D 85 19.49 10.45 22.89
CA SER D 85 20.11 9.24 23.41
C SER D 85 21.17 8.70 22.45
N GLU D 86 21.01 8.96 21.14
CA GLU D 86 21.96 8.46 20.15
C GLU D 86 23.03 9.52 19.86
N TYR D 87 22.58 10.67 19.34
CA TYR D 87 23.45 11.80 19.00
C TYR D 87 22.69 13.09 18.76
N PHE D 88 23.47 14.17 18.58
CA PHE D 88 22.91 15.49 18.33
C PHE D 88 22.30 15.60 16.95
N HIS D 89 21.17 16.28 16.85
CA HIS D 89 20.51 16.42 15.56
C HIS D 89 19.66 17.69 15.37
N LEU D 90 20.00 18.49 14.37
CA LEU D 90 19.28 19.72 14.07
C LEU D 90 17.89 19.53 13.50
N HIS D 91 16.86 19.91 14.26
CA HIS D 91 15.50 19.80 13.74
C HIS D 91 15.28 21.04 12.88
N THR D 92 15.13 20.87 11.58
CA THR D 92 14.94 22.01 10.71
C THR D 92 13.59 21.98 10.08
N LEU D 93 12.96 23.15 9.99
CA LEU D 93 11.65 23.29 9.39
C LEU D 93 11.70 24.42 8.41
N VAL D 94 11.62 24.16 7.12
CA VAL D 94 11.62 25.25 6.15
C VAL D 94 10.27 25.35 5.42
N GLU D 95 9.84 26.55 5.03
CA GLU D 95 8.55 26.66 4.36
C GLU D 95 8.61 26.16 2.93
N THR D 96 7.64 25.31 2.61
CA THR D 96 7.56 24.69 1.32
C THR D 96 7.64 25.67 0.17
N SER D 97 7.02 26.83 0.36
CA SER D 97 6.97 27.86 -0.65
C SER D 97 8.12 27.82 -1.66
N GLY D 98 7.91 27.16 -2.79
CA GLY D 98 8.95 27.13 -3.79
C GLY D 98 9.64 25.82 -4.09
N ILE D 99 9.43 24.82 -3.25
CA ILE D 99 10.03 23.49 -3.42
C ILE D 99 8.95 22.42 -3.44
N SER D 100 8.56 22.03 -4.66
CA SER D 100 7.53 21.03 -4.83
C SER D 100 8.01 19.71 -4.25
N SER D 101 7.18 19.12 -3.41
CA SER D 101 7.52 17.88 -2.77
C SER D 101 8.21 16.93 -3.73
N MET D 102 8.05 17.14 -5.03
CA MET D 102 8.67 16.22 -5.97
C MET D 102 10.16 16.32 -6.04
N VAL D 103 10.68 17.51 -5.83
CA VAL D 103 12.12 17.71 -5.94
C VAL D 103 12.79 17.94 -4.61
N LEU D 104 12.03 17.91 -3.54
CA LEU D 104 12.64 18.13 -2.26
C LEU D 104 13.95 17.35 -2.14
N GLY D 105 13.84 16.03 -2.04
CA GLY D 105 15.02 15.20 -1.93
C GLY D 105 16.13 15.54 -2.92
N ARG D 106 15.79 15.73 -4.18
CA ARG D 106 16.81 16.00 -5.18
C ARG D 106 17.58 17.23 -4.81
N TYR D 107 16.89 18.17 -4.13
CA TYR D 107 17.53 19.41 -3.68
C TYR D 107 18.25 19.21 -2.34
N VAL D 108 17.52 18.77 -1.33
CA VAL D 108 18.17 18.51 -0.07
C VAL D 108 19.50 17.84 -0.37
N SER D 109 19.46 16.77 -1.11
CA SER D 109 20.70 16.11 -1.47
C SER D 109 21.75 17.12 -1.92
N GLN D 110 21.38 18.07 -2.78
CA GLN D 110 22.38 19.03 -3.23
C GLN D 110 22.91 19.80 -2.04
N ILE D 111 22.06 19.99 -1.06
CA ILE D 111 22.47 20.69 0.13
C ILE D 111 23.44 19.82 0.91
N ARG D 112 23.05 18.57 1.13
CA ARG D 112 23.89 17.62 1.85
C ARG D 112 25.30 17.63 1.24
N ALA D 113 25.38 17.57 -0.09
CA ALA D 113 26.66 17.57 -0.77
C ALA D 113 27.40 18.84 -0.46
N GLN D 114 26.67 19.93 -0.30
CA GLN D 114 27.27 21.23 -0.01
C GLN D 114 27.77 21.29 1.42
N LEU D 115 27.01 20.75 2.35
CA LEU D 115 27.44 20.74 3.73
C LEU D 115 28.80 20.08 3.79
N VAL D 116 28.90 18.88 3.21
CA VAL D 116 30.16 18.17 3.21
C VAL D 116 31.33 19.02 2.71
N LYS D 117 31.21 19.56 1.50
CA LYS D 117 32.29 20.36 0.94
C LYS D 117 32.64 21.59 1.75
N VAL D 118 31.64 22.28 2.27
CA VAL D 118 31.89 23.50 3.05
C VAL D 118 32.22 23.26 4.52
N VAL D 119 31.27 22.65 5.22
CA VAL D 119 31.44 22.38 6.64
C VAL D 119 32.49 21.34 7.00
N PHE D 120 32.45 20.17 6.35
CA PHE D 120 33.39 19.10 6.67
C PHE D 120 34.48 18.88 5.64
N GLN D 121 34.80 19.93 4.89
CA GLN D 121 35.86 19.84 3.87
C GLN D 121 35.86 18.54 3.04
N GLY D 122 34.77 18.27 2.33
CA GLY D 122 34.70 17.07 1.50
C GLY D 122 34.83 15.71 2.17
N ILE D 123 34.57 15.63 3.47
CA ILE D 123 34.68 14.37 4.18
C ILE D 123 33.27 13.87 4.53
N GLU D 124 32.92 12.70 3.99
CA GLU D 124 31.61 12.15 4.26
C GLU D 124 31.49 11.67 5.70
N PRO D 125 30.60 12.29 6.48
CA PRO D 125 30.39 11.91 7.88
C PRO D 125 29.98 10.46 7.97
N GLN D 126 30.71 9.68 8.75
CA GLN D 126 30.37 8.28 8.88
C GLN D 126 29.15 8.05 9.77
N ILE D 127 28.08 8.78 9.51
CA ILE D 127 26.86 8.64 10.30
C ILE D 127 25.70 8.20 9.40
N ASN D 128 24.98 7.16 9.83
CA ASN D 128 23.86 6.64 9.07
C ASN D 128 22.71 7.66 8.99
N ASP D 129 22.34 8.02 7.76
CA ASP D 129 21.25 8.95 7.52
C ASP D 129 21.40 10.25 8.31
N TRP D 130 22.52 10.94 8.13
CA TRP D 130 22.69 12.17 8.88
C TRP D 130 21.93 13.36 8.35
N VAL D 131 21.11 13.15 7.32
CA VAL D 131 20.31 14.22 6.72
C VAL D 131 19.05 13.59 6.17
N ALA D 132 18.08 13.31 7.03
CA ALA D 132 16.87 12.67 6.57
C ALA D 132 15.65 13.58 6.50
N ILE D 133 14.82 13.38 5.49
CA ILE D 133 13.60 14.17 5.33
C ILE D 133 12.50 13.36 6.01
N THR D 134 11.49 14.00 6.59
CA THR D 134 10.44 13.22 7.25
C THR D 134 9.21 13.10 6.34
N LYS D 135 8.71 11.88 6.19
CA LYS D 135 7.55 11.61 5.34
C LYS D 135 6.32 11.23 6.18
N VAL D 136 5.11 11.40 5.66
CA VAL D 136 3.89 11.03 6.41
C VAL D 136 3.99 9.59 6.96
N LYS D 137 4.36 8.68 6.05
CA LYS D 137 4.51 7.25 6.33
C LYS D 137 5.20 6.60 5.13
N LYS D 138 5.76 5.41 5.31
CA LYS D 138 6.43 4.73 4.21
C LYS D 138 5.51 4.74 2.99
N GLY D 139 6.03 5.18 1.86
CA GLY D 139 5.23 5.21 0.66
C GLY D 139 4.39 6.45 0.64
N GLY D 140 4.35 7.15 1.75
CA GLY D 140 3.60 8.37 1.82
C GLY D 140 4.42 9.55 1.30
N ALA D 141 3.80 10.72 1.28
CA ALA D 141 4.46 11.92 0.81
C ALA D 141 5.21 12.60 1.94
N ASN D 142 6.13 13.46 1.56
CA ASN D 142 6.94 14.18 2.52
C ASN D 142 6.06 14.95 3.48
N LYS D 143 6.36 14.78 4.76
CA LYS D 143 5.59 15.43 5.80
C LYS D 143 5.72 16.93 5.71
N VAL D 144 4.57 17.58 5.71
CA VAL D 144 4.53 19.03 5.66
C VAL D 144 3.56 19.54 6.73
N VAL D 145 4.11 20.06 7.83
CA VAL D 145 3.32 20.59 8.94
C VAL D 145 3.19 22.09 8.87
N ASP D 146 2.28 22.63 9.69
CA ASP D 146 2.05 24.09 9.75
C ASP D 146 2.70 24.65 11.02
N SER D 147 2.69 25.96 11.13
CA SER D 147 3.28 26.67 12.26
C SER D 147 3.09 25.98 13.60
N GLY D 148 1.87 25.53 13.86
CA GLY D 148 1.54 24.85 15.12
C GLY D 148 2.46 23.74 15.59
N TYR D 149 3.14 23.10 14.65
CA TYR D 149 4.05 22.01 14.97
C TYR D 149 5.16 22.48 15.93
N ILE D 150 5.64 23.71 15.76
CA ILE D 150 6.70 24.24 16.61
C ILE D 150 6.35 24.18 18.12
N PRO D 151 5.30 24.89 18.54
CA PRO D 151 4.95 24.85 19.97
C PRO D 151 4.46 23.48 20.40
N ALA D 152 3.90 22.75 19.44
CA ALA D 152 3.37 21.42 19.70
C ALA D 152 4.41 20.36 20.03
N TYR D 153 5.52 20.33 19.29
CA TYR D 153 6.54 19.31 19.54
C TYR D 153 7.94 19.83 19.82
N LEU D 154 8.25 21.01 19.29
CA LEU D 154 9.58 21.57 19.45
C LEU D 154 9.86 22.35 20.73
N LEU D 155 8.96 23.29 21.06
CA LEU D 155 9.09 24.16 22.24
C LEU D 155 9.12 23.47 23.61
N PRO D 156 8.23 22.48 23.82
CA PRO D 156 8.18 21.75 25.08
C PRO D 156 9.55 21.29 25.56
N LYS D 157 10.43 20.96 24.62
CA LYS D 157 11.77 20.50 24.98
C LYS D 157 12.45 21.43 26.00
N VAL D 158 13.21 20.81 26.90
CA VAL D 158 13.94 21.52 27.95
C VAL D 158 15.27 20.82 28.16
N GLN D 159 16.29 21.62 28.48
CA GLN D 159 17.64 21.13 28.71
C GLN D 159 17.67 19.93 29.64
N PRO D 160 18.66 19.03 29.48
CA PRO D 160 19.76 19.08 28.49
C PRO D 160 19.34 18.70 27.07
N GLU D 161 18.14 18.12 26.91
CA GLU D 161 17.61 17.71 25.60
C GLU D 161 17.60 18.89 24.61
N LEU D 162 17.20 20.07 25.08
CA LEU D 162 17.21 21.26 24.23
C LEU D 162 18.61 21.82 24.35
N GLN D 163 19.18 22.28 23.25
CA GLN D 163 20.52 22.83 23.31
C GLN D 163 20.54 24.26 22.81
N TRP D 164 19.66 24.58 21.85
CA TRP D 164 19.57 25.92 21.26
C TRP D 164 18.42 26.00 20.25
N ALA D 165 18.22 27.18 19.67
CA ALA D 165 17.16 27.37 18.69
C ALA D 165 17.42 28.63 17.84
N TRP D 166 16.86 28.67 16.64
CA TRP D 166 17.02 29.81 15.74
C TRP D 166 15.65 29.99 15.12
N THR D 167 15.45 31.03 14.32
CA THR D 167 14.19 31.30 13.65
C THR D 167 13.99 32.75 13.29
N ASN D 168 13.52 32.98 12.09
CA ASN D 168 13.26 34.33 11.62
C ASN D 168 11.74 34.47 11.65
N LEU D 169 11.12 33.63 12.45
CA LEU D 169 9.68 33.66 12.59
C LEU D 169 9.37 34.44 13.87
N ASP D 170 9.13 35.74 13.70
CA ASP D 170 8.84 36.66 14.80
C ASP D 170 8.10 36.03 15.97
N GLU D 171 6.93 35.48 15.67
CA GLU D 171 6.07 34.86 16.67
C GLU D 171 6.82 34.01 17.72
N TYR D 172 7.99 33.49 17.34
CA TYR D 172 8.75 32.64 18.27
C TYR D 172 10.20 33.10 18.51
N LYS D 173 10.54 34.29 18.03
CA LYS D 173 11.90 34.78 18.21
C LYS D 173 12.39 34.77 19.66
N LEU D 174 11.47 34.94 20.60
CA LEU D 174 11.79 34.97 22.01
C LEU D 174 11.74 33.60 22.64
N ALA D 175 10.82 32.78 22.16
CA ALA D 175 10.64 31.39 22.67
C ALA D 175 11.86 30.57 22.27
N ALA D 176 12.64 31.14 21.35
CA ALA D 176 13.84 30.50 20.85
C ALA D 176 14.75 30.04 21.99
N LEU D 177 15.31 30.99 22.72
CA LEU D 177 16.22 30.64 23.81
C LEU D 177 15.70 30.97 25.23
N ASN D 178 14.38 30.91 25.42
CA ASN D 178 13.79 31.22 26.72
C ASN D 178 12.77 30.18 27.17
N LEU D 179 13.15 29.33 28.12
CA LEU D 179 12.25 28.28 28.60
C LEU D 179 10.94 28.84 29.13
N GLU D 180 10.97 30.11 29.56
CA GLU D 180 9.78 30.76 30.10
C GLU D 180 8.81 31.18 28.97
N GLU D 181 9.34 31.87 27.97
CA GLU D 181 8.51 32.29 26.84
C GLU D 181 7.86 31.04 26.23
N ARG D 182 8.64 29.95 26.13
CA ARG D 182 8.16 28.68 25.58
C ARG D 182 6.99 28.15 26.37
N LYS D 183 7.20 27.94 27.67
CA LYS D 183 6.18 27.42 28.55
C LYS D 183 4.85 28.16 28.40
N ARG D 184 4.92 29.43 28.05
CA ARG D 184 3.73 30.26 27.86
C ARG D 184 2.95 29.89 26.61
N LEU D 185 3.66 29.95 25.47
CA LEU D 185 3.10 29.61 24.17
C LEU D 185 2.71 28.13 24.13
N VAL D 186 3.52 27.30 24.79
CA VAL D 186 3.26 25.86 24.86
C VAL D 186 1.93 25.63 25.56
N ALA D 187 1.67 26.46 26.56
CA ALA D 187 0.43 26.38 27.34
C ALA D 187 -0.74 26.91 26.49
N GLN D 188 -0.55 28.11 25.94
CA GLN D 188 -1.56 28.75 25.10
C GLN D 188 -2.02 27.83 23.98
N PHE D 189 -1.06 27.12 23.38
CA PHE D 189 -1.37 26.22 22.29
C PHE D 189 -2.33 25.13 22.79
N LEU D 190 -1.93 24.43 23.84
CA LEU D 190 -2.72 23.34 24.41
C LEU D 190 -4.13 23.77 24.80
N ALA D 191 -4.31 25.08 24.97
CA ALA D 191 -5.61 25.65 25.33
C ALA D 191 -6.50 25.87 24.11
N GLU D 192 -6.00 26.65 23.15
CA GLU D 192 -6.74 26.96 21.93
C GLU D 192 -6.85 25.78 20.97
N SER D 193 -7.43 24.68 21.45
CA SER D 193 -7.62 23.46 20.64
C SER D 193 -8.58 22.47 21.31
N MET E 1 -6.00 -18.65 -20.14
CA MET E 1 -7.31 -18.30 -20.77
C MET E 1 -7.49 -16.77 -20.77
N ALA E 2 -8.65 -16.30 -21.23
CA ALA E 2 -8.92 -14.86 -21.29
C ALA E 2 -9.49 -14.31 -19.98
N THR E 3 -8.75 -13.38 -19.38
CA THR E 3 -9.18 -12.78 -18.13
C THR E 3 -9.37 -11.30 -18.35
N PHE E 4 -10.36 -10.72 -17.69
CA PHE E 4 -10.63 -9.31 -17.87
C PHE E 4 -10.78 -8.49 -16.60
N TYR E 5 -10.50 -7.20 -16.73
CA TYR E 5 -10.61 -6.23 -15.65
C TYR E 5 -11.90 -5.51 -15.98
N GLU E 6 -12.49 -4.85 -15.00
CA GLU E 6 -13.72 -4.13 -15.30
C GLU E 6 -13.58 -2.68 -14.85
N VAL E 7 -13.80 -1.76 -15.76
CA VAL E 7 -13.71 -0.35 -15.43
C VAL E 7 -15.02 0.32 -15.75
N ILE E 8 -15.76 0.73 -14.73
CA ILE E 8 -17.05 1.36 -14.95
C ILE E 8 -16.95 2.88 -15.01
N VAL E 9 -17.35 3.46 -16.13
CA VAL E 9 -17.29 4.92 -16.28
C VAL E 9 -18.68 5.55 -16.32
N ARG E 10 -18.98 6.45 -15.41
CA ARG E 10 -20.30 7.10 -15.43
C ARG E 10 -20.27 8.19 -16.49
N VAL E 11 -21.10 8.06 -17.53
CA VAL E 11 -21.13 9.08 -18.58
C VAL E 11 -21.99 10.27 -18.19
N PRO E 12 -21.34 11.43 -17.96
CA PRO E 12 -21.98 12.70 -17.58
C PRO E 12 -22.94 13.17 -18.69
N PHE E 13 -24.23 12.88 -18.53
CA PHE E 13 -25.22 13.26 -19.55
C PHE E 13 -25.65 14.73 -19.66
N ASP E 14 -25.89 15.36 -18.52
CA ASP E 14 -26.31 16.75 -18.48
C ASP E 14 -25.14 17.76 -18.56
N VAL E 15 -24.91 18.25 -19.77
CA VAL E 15 -23.87 19.20 -20.10
C VAL E 15 -23.48 20.23 -19.03
N GLU E 16 -24.42 21.08 -18.64
CA GLU E 16 -24.19 22.13 -17.64
C GLU E 16 -24.14 21.64 -16.20
N GLU E 17 -25.02 20.69 -15.88
CA GLU E 17 -25.10 20.11 -14.54
C GLU E 17 -23.89 19.24 -14.18
N HIS E 18 -23.21 18.71 -15.19
CA HIS E 18 -22.05 17.85 -14.98
C HIS E 18 -20.75 18.45 -15.45
N LEU E 19 -20.78 19.16 -16.58
CA LEU E 19 -19.56 19.77 -17.10
C LEU E 19 -19.67 21.28 -17.19
N PRO E 20 -19.69 21.98 -16.04
CA PRO E 20 -19.79 23.44 -16.05
C PRO E 20 -18.55 24.12 -16.62
N GLY E 21 -18.75 24.93 -17.66
CA GLY E 21 -17.65 25.64 -18.27
C GLY E 21 -17.36 25.14 -19.68
N ILE E 22 -17.90 23.98 -20.01
CA ILE E 22 -17.67 23.40 -21.33
C ILE E 22 -18.17 24.37 -22.39
N SER E 23 -17.48 24.39 -23.53
CA SER E 23 -17.86 25.27 -24.64
C SER E 23 -19.11 24.75 -25.34
N ASP E 24 -19.42 25.35 -26.48
CA ASP E 24 -20.57 24.96 -27.30
C ASP E 24 -20.16 23.90 -28.31
N SER E 25 -18.97 24.08 -28.90
CA SER E 25 -18.45 23.13 -29.87
C SER E 25 -18.69 21.70 -29.37
N PHE E 26 -18.68 21.52 -28.05
CA PHE E 26 -18.90 20.20 -27.47
C PHE E 26 -20.37 19.84 -27.64
N VAL E 27 -21.25 20.66 -27.09
CA VAL E 27 -22.69 20.44 -27.15
C VAL E 27 -23.14 20.20 -28.59
N ASP E 28 -22.52 20.89 -29.54
CA ASP E 28 -22.88 20.73 -30.94
C ASP E 28 -22.43 19.37 -31.47
N TRP E 29 -21.24 18.97 -31.05
CA TRP E 29 -20.63 17.70 -31.43
C TRP E 29 -21.51 16.51 -31.07
N VAL E 30 -21.85 16.42 -29.79
CA VAL E 30 -22.70 15.34 -29.34
C VAL E 30 -24.02 15.29 -30.10
N THR E 31 -24.47 16.45 -30.57
CA THR E 31 -25.72 16.51 -31.29
C THR E 31 -25.56 16.11 -32.76
N GLY E 32 -24.56 16.69 -33.42
CA GLY E 32 -24.32 16.39 -34.81
C GLY E 32 -23.75 14.99 -35.05
N GLN E 33 -24.30 14.00 -34.35
CA GLN E 33 -23.83 12.64 -34.51
C GLN E 33 -25.07 11.76 -34.45
N ILE E 34 -25.47 11.25 -35.61
CA ILE E 34 -26.66 10.40 -35.72
C ILE E 34 -26.30 8.93 -35.75
N TRP E 35 -26.84 8.17 -34.79
CA TRP E 35 -26.59 6.74 -34.70
C TRP E 35 -27.57 5.94 -35.52
N GLU E 36 -27.06 4.86 -36.12
CA GLU E 36 -27.88 3.97 -36.94
C GLU E 36 -27.60 2.51 -36.58
N LEU E 37 -28.67 1.74 -36.45
CA LEU E 37 -28.59 0.33 -36.12
C LEU E 37 -28.17 -0.51 -37.31
N PRO E 38 -27.11 -1.30 -37.17
CA PRO E 38 -26.60 -2.17 -38.23
C PRO E 38 -27.67 -3.18 -38.63
N PRO E 39 -27.60 -3.71 -39.85
CA PRO E 39 -28.57 -4.67 -40.35
C PRO E 39 -28.92 -5.79 -39.38
N GLU E 40 -27.90 -6.50 -38.89
CA GLU E 40 -28.12 -7.63 -37.98
C GLU E 40 -28.77 -7.32 -36.63
N SER E 41 -28.90 -6.03 -36.29
CA SER E 41 -29.49 -5.67 -35.01
C SER E 41 -30.97 -5.91 -35.00
N ASP E 42 -31.58 -5.61 -33.87
CA ASP E 42 -33.00 -5.77 -33.72
C ASP E 42 -33.46 -4.96 -32.55
N LEU E 43 -32.67 -3.94 -32.23
CA LEU E 43 -32.99 -3.06 -31.11
C LEU E 43 -33.93 -1.95 -31.54
N ASN E 44 -34.69 -1.43 -30.57
CA ASN E 44 -35.65 -0.34 -30.78
C ASN E 44 -34.85 0.95 -30.66
N LEU E 45 -34.41 1.48 -31.79
CA LEU E 45 -33.59 2.68 -31.79
C LEU E 45 -34.23 3.84 -31.03
N THR E 46 -35.54 3.77 -30.84
CA THR E 46 -36.28 4.82 -30.13
C THR E 46 -35.91 4.89 -28.65
N LEU E 47 -35.40 3.79 -28.13
CA LEU E 47 -35.04 3.71 -26.72
C LEU E 47 -33.55 3.93 -26.49
N VAL E 48 -32.84 4.36 -27.53
CA VAL E 48 -31.40 4.59 -27.46
C VAL E 48 -31.01 6.06 -27.44
N GLU E 49 -30.89 6.61 -26.22
CA GLU E 49 -30.51 8.01 -26.03
C GLU E 49 -29.24 8.36 -26.81
N GLN E 50 -29.38 8.74 -28.07
CA GLN E 50 -28.23 9.06 -28.89
C GLN E 50 -27.23 10.09 -28.33
N PRO E 51 -27.72 11.20 -27.75
CA PRO E 51 -26.78 12.19 -27.22
C PRO E 51 -25.74 11.60 -26.25
N GLN E 52 -26.19 10.81 -25.28
CA GLN E 52 -25.30 10.17 -24.32
C GLN E 52 -24.40 9.17 -25.02
N LEU E 53 -25.01 8.31 -25.81
CA LEU E 53 -24.25 7.29 -26.55
C LEU E 53 -23.11 7.90 -27.32
N THR E 54 -23.32 9.09 -27.85
CA THR E 54 -22.28 9.73 -28.63
C THR E 54 -21.07 9.97 -27.75
N VAL E 55 -21.33 10.36 -26.51
CA VAL E 55 -20.27 10.64 -25.55
C VAL E 55 -19.64 9.34 -25.09
N ALA E 56 -20.49 8.40 -24.66
CA ALA E 56 -20.01 7.11 -24.20
C ALA E 56 -19.06 6.51 -25.23
N ASP E 57 -19.43 6.61 -26.51
CA ASP E 57 -18.57 6.06 -27.57
C ASP E 57 -17.19 6.71 -27.57
N ARG E 58 -17.17 8.04 -27.52
CA ARG E 58 -15.90 8.75 -27.54
C ARG E 58 -15.09 8.26 -26.39
N ILE E 59 -15.73 8.19 -25.23
CA ILE E 59 -15.06 7.73 -24.05
C ILE E 59 -14.46 6.38 -24.39
N ARG E 60 -15.31 5.45 -24.77
CA ARG E 60 -14.90 4.09 -25.13
C ARG E 60 -13.69 4.07 -26.04
N ARG E 61 -13.78 4.84 -27.11
CA ARG E 61 -12.70 4.86 -28.07
C ARG E 61 -11.38 5.24 -27.48
N VAL E 62 -11.35 6.38 -26.80
CA VAL E 62 -10.11 6.85 -26.17
C VAL E 62 -9.61 5.83 -25.16
N PHE E 63 -10.52 5.35 -24.33
CA PHE E 63 -10.15 4.37 -23.33
C PHE E 63 -9.40 3.26 -24.00
N LEU E 64 -10.06 2.54 -24.88
CA LEU E 64 -9.41 1.43 -25.55
C LEU E 64 -8.08 1.82 -26.17
N TYR E 65 -8.08 2.86 -26.98
CA TYR E 65 -6.88 3.30 -27.65
C TYR E 65 -5.74 3.48 -26.69
N GLU E 66 -5.98 4.30 -25.68
CA GLU E 66 -4.97 4.56 -24.68
C GLU E 66 -4.58 3.27 -23.98
N TRP E 67 -5.54 2.36 -23.80
CA TRP E 67 -5.27 1.11 -23.13
C TRP E 67 -4.32 0.24 -23.90
N ASN E 68 -4.56 0.11 -25.19
CA ASN E 68 -3.67 -0.71 -26.01
C ASN E 68 -2.22 -0.20 -25.97
N LYS E 69 -2.05 1.10 -25.74
CA LYS E 69 -0.72 1.71 -25.65
C LYS E 69 0.01 1.02 -24.50
N PHE E 70 -0.74 0.61 -23.50
CA PHE E 70 -0.14 -0.05 -22.35
C PHE E 70 0.01 -1.52 -22.62
N SER E 71 -1.10 -2.17 -22.87
CA SER E 71 -1.07 -3.59 -23.12
C SER E 71 -0.09 -3.98 -24.22
N LYS E 72 0.31 -2.99 -25.03
CA LYS E 72 1.23 -3.22 -26.14
C LYS E 72 0.61 -4.24 -27.11
N GLN E 73 -0.71 -4.22 -27.23
CA GLN E 73 -1.40 -5.15 -28.13
C GLN E 73 -2.88 -4.83 -28.36
N GLU E 74 -3.52 -5.66 -29.17
CA GLU E 74 -4.95 -5.51 -29.48
C GLU E 74 -5.70 -6.23 -28.38
N SER E 75 -5.98 -5.53 -27.31
CA SER E 75 -6.68 -6.11 -26.19
C SER E 75 -8.10 -6.50 -26.53
N LYS E 76 -8.48 -7.75 -26.26
CA LYS E 76 -9.84 -8.19 -26.54
C LYS E 76 -10.72 -7.46 -25.54
N PHE E 77 -11.90 -7.03 -25.95
CA PHE E 77 -12.73 -6.32 -25.00
C PHE E 77 -14.21 -6.50 -25.24
N PHE E 78 -15.00 -5.85 -24.41
CA PHE E 78 -16.44 -5.90 -24.52
C PHE E 78 -16.97 -4.77 -23.67
N VAL E 79 -17.46 -3.73 -24.33
CA VAL E 79 -17.99 -2.56 -23.67
C VAL E 79 -19.50 -2.56 -23.81
N GLN E 80 -20.22 -2.28 -22.74
CA GLN E 80 -21.68 -2.25 -22.83
C GLN E 80 -22.23 -0.99 -22.19
N PHE E 81 -22.82 -0.12 -23.00
CA PHE E 81 -23.37 1.11 -22.49
C PHE E 81 -24.72 0.84 -21.81
N GLU E 82 -24.83 1.15 -20.52
CA GLU E 82 -26.07 0.93 -19.78
C GLU E 82 -26.62 2.22 -19.25
N LYS E 83 -27.91 2.21 -18.94
CA LYS E 83 -28.59 3.39 -18.41
C LYS E 83 -29.31 2.92 -17.15
N GLY E 84 -28.98 3.53 -16.03
CA GLY E 84 -29.61 3.10 -14.78
C GLY E 84 -30.43 4.14 -14.04
N SER E 85 -30.77 3.80 -12.79
CA SER E 85 -31.56 4.70 -11.96
C SER E 85 -30.85 6.02 -11.70
N GLU E 86 -29.53 5.96 -11.53
CA GLU E 86 -28.73 7.16 -11.26
C GLU E 86 -28.31 7.86 -12.56
N TYR E 87 -27.44 7.20 -13.32
CA TYR E 87 -26.96 7.72 -14.59
C TYR E 87 -26.29 6.67 -15.49
N PHE E 88 -26.10 7.03 -16.75
CA PHE E 88 -25.50 6.14 -17.73
C PHE E 88 -24.11 5.80 -17.31
N HIS E 89 -23.67 4.58 -17.64
CA HIS E 89 -22.31 4.18 -17.32
C HIS E 89 -21.76 3.03 -18.16
N LEU E 90 -20.64 3.27 -18.82
CA LEU E 90 -20.01 2.26 -19.66
C LEU E 90 -19.38 1.10 -18.92
N HIS E 91 -19.88 -0.10 -19.15
CA HIS E 91 -19.27 -1.25 -18.51
C HIS E 91 -18.17 -1.68 -19.46
N THR E 92 -16.93 -1.55 -19.05
CA THR E 92 -15.85 -1.94 -19.94
C THR E 92 -15.17 -3.18 -19.40
N LEU E 93 -14.79 -4.09 -20.29
CA LEU E 93 -14.08 -5.31 -19.90
C LEU E 93 -12.89 -5.51 -20.80
N VAL E 94 -11.70 -5.23 -20.29
CA VAL E 94 -10.49 -5.40 -21.08
C VAL E 94 -9.66 -6.58 -20.60
N GLU E 95 -8.93 -7.24 -21.48
CA GLU E 95 -8.15 -8.38 -21.01
C GLU E 95 -6.94 -7.91 -20.25
N THR E 96 -6.67 -8.63 -19.17
CA THR E 96 -5.58 -8.31 -18.28
C THR E 96 -4.22 -8.35 -18.93
N SER E 97 -4.07 -9.20 -19.94
CA SER E 97 -2.78 -9.36 -20.62
C SER E 97 -2.03 -8.05 -20.75
N GLY E 98 -0.95 -7.89 -19.98
CA GLY E 98 -0.14 -6.70 -20.05
C GLY E 98 -0.14 -5.73 -18.88
N ILE E 99 -1.21 -5.76 -18.10
CA ILE E 99 -1.37 -4.87 -16.96
C ILE E 99 -1.47 -5.69 -15.67
N SER E 100 -0.40 -5.73 -14.91
CA SER E 100 -0.36 -6.46 -13.67
C SER E 100 -1.20 -5.77 -12.61
N SER E 101 -2.17 -6.51 -12.08
CA SER E 101 -3.07 -5.99 -11.07
C SER E 101 -2.50 -4.85 -10.24
N MET E 102 -1.23 -4.98 -9.82
CA MET E 102 -0.59 -3.94 -9.01
C MET E 102 -0.65 -2.59 -9.65
N VAL E 103 -0.25 -2.50 -10.92
CA VAL E 103 -0.28 -1.20 -11.59
C VAL E 103 -1.54 -0.81 -12.33
N LEU E 104 -2.53 -1.69 -12.35
CA LEU E 104 -3.74 -1.34 -13.05
C LEU E 104 -4.21 0.11 -12.81
N GLY E 105 -4.25 0.51 -11.55
CA GLY E 105 -4.65 1.86 -11.19
C GLY E 105 -3.84 3.00 -11.82
N ARG E 106 -2.53 2.98 -11.78
CA ARG E 106 -1.83 4.10 -12.40
C ARG E 106 -2.04 4.13 -13.89
N TYR E 107 -2.63 3.07 -14.45
CA TYR E 107 -2.85 3.08 -15.89
C TYR E 107 -4.20 3.72 -16.25
N VAL E 108 -5.21 3.35 -15.50
CA VAL E 108 -6.56 3.88 -15.67
C VAL E 108 -6.57 5.37 -15.31
N SER E 109 -5.73 5.75 -14.36
CA SER E 109 -5.63 7.13 -13.98
C SER E 109 -5.17 7.93 -15.18
N GLN E 110 -4.09 7.52 -15.82
CA GLN E 110 -3.64 8.27 -16.98
C GLN E 110 -4.74 8.38 -18.02
N ILE E 111 -5.48 7.29 -18.19
CA ILE E 111 -6.55 7.30 -19.15
C ILE E 111 -7.56 8.31 -18.71
N ARG E 112 -8.01 8.21 -17.47
CA ARG E 112 -8.98 9.15 -16.98
C ARG E 112 -8.55 10.56 -17.37
N ALA E 113 -7.33 10.94 -17.01
CA ALA E 113 -6.85 12.27 -17.33
C ALA E 113 -6.89 12.55 -18.83
N GLN E 114 -6.70 11.51 -19.62
CA GLN E 114 -6.71 11.63 -21.06
C GLN E 114 -8.13 11.90 -21.53
N LEU E 115 -9.08 11.16 -20.98
CA LEU E 115 -10.46 11.37 -21.34
C LEU E 115 -10.84 12.83 -21.09
N VAL E 116 -10.38 13.39 -19.98
CA VAL E 116 -10.73 14.77 -19.69
C VAL E 116 -10.19 15.75 -20.73
N LYS E 117 -8.90 15.65 -21.01
CA LYS E 117 -8.31 16.55 -21.96
C LYS E 117 -8.88 16.39 -23.38
N VAL E 118 -9.15 15.16 -23.80
CA VAL E 118 -9.65 14.91 -25.14
C VAL E 118 -11.16 14.99 -25.28
N VAL E 119 -11.87 14.18 -24.53
CA VAL E 119 -13.29 14.16 -24.63
C VAL E 119 -13.97 15.38 -24.05
N PHE E 120 -13.58 15.77 -22.86
CA PHE E 120 -14.22 16.91 -22.22
C PHE E 120 -13.41 18.19 -22.21
N GLN E 121 -12.50 18.33 -23.17
CA GLN E 121 -11.67 19.52 -23.27
C GLN E 121 -11.19 19.98 -21.88
N GLY E 122 -10.41 19.13 -21.20
CA GLY E 122 -9.88 19.46 -19.89
C GLY E 122 -10.85 19.94 -18.81
N ILE E 123 -12.11 19.50 -18.88
CA ILE E 123 -13.07 19.92 -17.88
C ILE E 123 -13.40 18.75 -16.98
N GLU E 124 -13.11 18.87 -15.69
CA GLU E 124 -13.37 17.76 -14.79
C GLU E 124 -14.84 17.51 -14.51
N PRO E 125 -15.38 16.39 -15.01
CA PRO E 125 -16.78 16.04 -14.81
C PRO E 125 -17.15 16.08 -13.34
N GLN E 126 -18.21 16.80 -13.00
CA GLN E 126 -18.64 16.88 -11.61
C GLN E 126 -19.47 15.68 -11.19
N ILE E 127 -18.94 14.48 -11.40
CA ILE E 127 -19.63 13.24 -11.02
C ILE E 127 -18.75 12.39 -10.13
N ASN E 128 -19.30 11.95 -9.01
CA ASN E 128 -18.58 11.12 -8.04
C ASN E 128 -18.10 9.79 -8.60
N ASP E 129 -16.79 9.61 -8.66
CA ASP E 129 -16.19 8.36 -9.14
C ASP E 129 -16.67 8.00 -10.54
N TRP E 130 -16.47 8.90 -11.50
CA TRP E 130 -16.95 8.59 -12.83
C TRP E 130 -16.12 7.56 -13.58
N VAL E 131 -15.07 7.09 -12.93
CA VAL E 131 -14.22 6.07 -13.52
C VAL E 131 -13.78 5.21 -12.38
N ALA E 132 -14.43 4.09 -12.18
CA ALA E 132 -14.03 3.28 -11.06
C ALA E 132 -13.72 1.85 -11.43
N ILE E 133 -12.62 1.33 -10.89
CA ILE E 133 -12.20 -0.03 -11.14
C ILE E 133 -12.92 -0.97 -10.20
N THR E 134 -13.36 -2.12 -10.71
CA THR E 134 -14.04 -3.09 -9.88
C THR E 134 -13.10 -3.91 -9.00
N LYS E 135 -13.43 -3.91 -7.72
CA LYS E 135 -12.68 -4.61 -6.75
C LYS E 135 -13.55 -5.72 -6.27
N VAL E 136 -12.89 -6.74 -5.78
CA VAL E 136 -13.60 -7.89 -5.28
C VAL E 136 -14.17 -7.61 -3.91
N LYS E 137 -13.98 -6.40 -3.41
CA LYS E 137 -14.47 -6.05 -2.09
C LYS E 137 -13.67 -4.87 -1.54
N LYS E 138 -14.29 -4.02 -0.75
CA LYS E 138 -13.54 -2.91 -0.23
C LYS E 138 -12.19 -3.37 0.32
N GLY E 139 -11.11 -2.94 -0.33
CA GLY E 139 -9.77 -3.30 0.09
C GLY E 139 -9.27 -4.58 -0.55
N GLY E 140 -10.18 -5.21 -1.29
CA GLY E 140 -9.86 -6.44 -1.98
C GLY E 140 -9.12 -6.20 -3.28
N ALA E 141 -8.82 -7.31 -3.95
CA ALA E 141 -8.08 -7.24 -5.20
C ALA E 141 -8.95 -6.81 -6.39
N ASN E 142 -8.31 -6.26 -7.41
CA ASN E 142 -8.98 -5.84 -8.62
C ASN E 142 -9.70 -6.99 -9.22
N LYS E 143 -11.03 -6.98 -9.17
CA LYS E 143 -11.80 -8.11 -9.69
C LYS E 143 -11.50 -8.39 -11.15
N VAL E 144 -11.10 -9.63 -11.38
CA VAL E 144 -10.75 -10.13 -12.70
C VAL E 144 -11.59 -11.35 -13.03
N VAL E 145 -12.47 -11.19 -14.02
CA VAL E 145 -13.36 -12.26 -14.46
C VAL E 145 -12.96 -12.79 -15.80
N ASP E 146 -13.61 -13.89 -16.20
CA ASP E 146 -13.34 -14.52 -17.48
C ASP E 146 -14.49 -14.26 -18.46
N SER E 147 -14.29 -14.66 -19.72
CA SER E 147 -15.30 -14.45 -20.75
C SER E 147 -16.71 -14.65 -20.21
N GLY E 148 -16.91 -15.74 -19.50
CA GLY E 148 -18.23 -16.05 -18.97
C GLY E 148 -18.96 -14.93 -18.30
N TYR E 149 -18.24 -13.95 -17.80
CA TYR E 149 -18.89 -12.84 -17.15
C TYR E 149 -19.86 -12.15 -18.12
N ILE E 150 -19.47 -12.05 -19.38
CA ILE E 150 -20.30 -11.38 -20.35
C ILE E 150 -21.73 -11.90 -20.45
N PRO E 151 -21.91 -13.16 -20.84
CA PRO E 151 -23.26 -13.71 -20.96
C PRO E 151 -23.94 -13.84 -19.62
N ALA E 152 -23.14 -13.94 -18.57
CA ALA E 152 -23.67 -14.10 -17.24
C ALA E 152 -24.30 -12.85 -16.64
N TYR E 153 -23.68 -11.69 -16.83
CA TYR E 153 -24.23 -10.48 -16.25
C TYR E 153 -24.47 -9.34 -17.22
N LEU E 154 -23.79 -9.37 -18.36
CA LEU E 154 -23.95 -8.30 -19.30
C LEU E 154 -25.00 -8.51 -20.38
N LEU E 155 -25.04 -9.69 -20.99
CA LEU E 155 -25.98 -9.97 -22.06
C LEU E 155 -27.45 -9.92 -21.69
N PRO E 156 -27.82 -10.50 -20.53
CA PRO E 156 -29.20 -10.52 -20.06
C PRO E 156 -29.91 -9.17 -20.06
N LYS E 157 -29.14 -8.09 -20.08
CA LYS E 157 -29.73 -6.75 -20.08
C LYS E 157 -30.53 -6.50 -21.35
N VAL E 158 -31.66 -5.82 -21.17
CA VAL E 158 -32.55 -5.48 -22.27
C VAL E 158 -33.03 -4.06 -22.11
N GLN E 159 -33.28 -3.40 -23.23
CA GLN E 159 -33.74 -2.02 -23.22
C GLN E 159 -34.92 -1.80 -22.27
N PRO E 160 -35.03 -0.59 -21.72
CA PRO E 160 -34.14 0.57 -21.93
C PRO E 160 -32.82 0.49 -21.19
N GLU E 161 -32.73 -0.39 -20.20
CA GLU E 161 -31.50 -0.53 -19.46
C GLU E 161 -30.32 -0.71 -20.43
N LEU E 162 -30.48 -1.55 -21.45
CA LEU E 162 -29.41 -1.73 -22.42
C LEU E 162 -29.48 -0.58 -23.41
N GLN E 163 -28.33 -0.06 -23.80
CA GLN E 163 -28.35 1.03 -24.75
C GLN E 163 -27.56 0.67 -25.99
N TRP E 164 -26.43 0.00 -25.81
CA TRP E 164 -25.61 -0.36 -26.95
C TRP E 164 -24.53 -1.29 -26.47
N ALA E 165 -23.66 -1.72 -27.39
CA ALA E 165 -22.57 -2.60 -27.04
C ALA E 165 -21.48 -2.58 -28.11
N TRP E 166 -20.28 -3.02 -27.76
CA TRP E 166 -19.19 -3.06 -28.70
C TRP E 166 -18.40 -4.30 -28.36
N THR E 167 -17.52 -4.73 -29.26
CA THR E 167 -16.67 -5.90 -28.99
C THR E 167 -15.92 -6.48 -30.16
N ASN E 168 -14.65 -6.74 -29.94
CA ASN E 168 -13.79 -7.33 -30.96
C ASN E 168 -13.66 -8.82 -30.67
N LEU E 169 -14.54 -9.30 -29.80
CA LEU E 169 -14.58 -10.70 -29.42
C LEU E 169 -15.60 -11.36 -30.35
N ASP E 170 -15.14 -12.07 -31.38
CA ASP E 170 -16.02 -12.72 -32.34
C ASP E 170 -17.21 -13.44 -31.73
N GLU E 171 -16.94 -14.25 -30.72
CA GLU E 171 -17.98 -15.01 -30.05
C GLU E 171 -19.22 -14.23 -29.65
N TYR E 172 -19.13 -12.92 -29.55
CA TYR E 172 -20.29 -12.16 -29.15
C TYR E 172 -20.57 -11.00 -30.08
N LYS E 173 -19.89 -10.94 -31.23
CA LYS E 173 -20.08 -9.85 -32.14
C LYS E 173 -21.54 -9.63 -32.54
N LEU E 174 -22.32 -10.70 -32.56
CA LEU E 174 -23.71 -10.55 -32.96
C LEU E 174 -24.60 -10.30 -31.76
N ALA E 175 -24.17 -10.79 -30.61
CA ALA E 175 -24.92 -10.61 -29.39
C ALA E 175 -24.86 -9.15 -29.00
N ALA E 176 -23.88 -8.46 -29.55
CA ALA E 176 -23.70 -7.08 -29.21
C ALA E 176 -24.99 -6.30 -29.26
N LEU E 177 -25.51 -6.15 -30.46
CA LEU E 177 -26.72 -5.39 -30.66
C LEU E 177 -27.93 -6.21 -31.08
N ASN E 178 -27.96 -7.48 -30.67
CA ASN E 178 -29.12 -8.30 -30.99
C ASN E 178 -29.71 -9.04 -29.78
N LEU E 179 -30.81 -8.52 -29.26
CA LEU E 179 -31.47 -9.11 -28.11
C LEU E 179 -31.75 -10.58 -28.31
N GLU E 180 -31.97 -10.98 -29.56
CA GLU E 180 -32.26 -12.37 -29.88
C GLU E 180 -31.03 -13.26 -29.72
N GLU E 181 -29.95 -12.88 -30.39
CA GLU E 181 -28.70 -13.63 -30.31
C GLU E 181 -28.34 -13.74 -28.84
N ARG E 182 -28.57 -12.66 -28.09
CA ARG E 182 -28.24 -12.68 -26.67
C ARG E 182 -28.99 -13.80 -26.00
N LYS E 183 -30.30 -13.62 -25.88
CA LYS E 183 -31.15 -14.60 -25.27
C LYS E 183 -30.68 -16.00 -25.58
N ARG E 184 -30.13 -16.21 -26.76
CA ARG E 184 -29.67 -17.52 -27.12
C ARG E 184 -28.48 -17.90 -26.26
N LEU E 185 -27.40 -17.14 -26.39
CA LEU E 185 -26.19 -17.44 -25.64
C LEU E 185 -26.46 -17.44 -24.14
N VAL E 186 -27.31 -16.52 -23.70
CA VAL E 186 -27.66 -16.40 -22.29
C VAL E 186 -28.27 -17.68 -21.77
N ALA E 187 -29.04 -18.32 -22.62
CA ALA E 187 -29.69 -19.56 -22.26
C ALA E 187 -28.63 -20.66 -22.23
N GLN E 188 -27.90 -20.80 -23.33
CA GLN E 188 -26.87 -21.81 -23.44
C GLN E 188 -26.00 -21.77 -22.22
N PHE E 189 -25.63 -20.56 -21.80
CA PHE E 189 -24.76 -20.40 -20.64
C PHE E 189 -25.31 -21.03 -19.38
N LEU E 190 -26.53 -20.64 -19.03
CA LEU E 190 -27.21 -21.14 -17.85
C LEU E 190 -27.38 -22.66 -17.88
N ALA E 191 -27.25 -23.25 -19.07
CA ALA E 191 -27.38 -24.68 -19.25
C ALA E 191 -26.06 -25.38 -18.93
N GLU E 192 -25.02 -25.03 -19.68
CA GLU E 192 -23.69 -25.61 -19.51
C GLU E 192 -22.98 -25.20 -18.21
N SER E 193 -23.57 -25.54 -17.07
CA SER E 193 -22.98 -25.21 -15.78
C SER E 193 -23.74 -25.86 -14.65
N MET F 1 6.47 -4.05 30.63
CA MET F 1 6.99 -5.42 30.94
C MET F 1 7.19 -6.18 29.63
N ALA F 2 7.65 -7.41 29.71
CA ALA F 2 7.90 -8.22 28.52
C ALA F 2 6.63 -8.91 28.00
N THR F 3 6.24 -8.55 26.78
CA THR F 3 5.07 -9.15 26.14
C THR F 3 5.56 -9.89 24.90
N PHE F 4 4.89 -11.00 24.56
CA PHE F 4 5.27 -11.79 23.40
C PHE F 4 4.14 -12.26 22.50
N TYR F 5 4.47 -12.46 21.24
CA TYR F 5 3.56 -12.95 20.22
C TYR F 5 3.90 -14.44 20.09
N GLU F 6 2.98 -15.23 19.58
CA GLU F 6 3.25 -16.65 19.42
C GLU F 6 3.01 -17.06 17.99
N VAL F 7 4.02 -17.62 17.37
CA VAL F 7 3.91 -18.06 15.99
C VAL F 7 4.25 -19.55 15.92
N ILE F 8 3.26 -20.38 15.63
CA ILE F 8 3.47 -21.82 15.55
C ILE F 8 3.84 -22.30 14.15
N VAL F 9 4.96 -23.00 14.04
CA VAL F 9 5.40 -23.50 12.74
C VAL F 9 5.47 -25.03 12.75
N ARG F 10 4.86 -25.67 11.77
CA ARG F 10 4.90 -27.13 11.74
C ARG F 10 6.17 -27.52 11.02
N VAL F 11 6.99 -28.34 11.66
CA VAL F 11 8.23 -28.76 11.05
C VAL F 11 8.06 -30.04 10.24
N PRO F 12 8.22 -29.93 8.91
CA PRO F 12 8.11 -31.03 7.94
C PRO F 12 9.19 -32.10 8.19
N PHE F 13 8.82 -33.37 8.06
CA PHE F 13 9.76 -34.46 8.31
C PHE F 13 10.01 -35.42 7.14
N ASP F 14 8.99 -35.66 6.31
CA ASP F 14 9.14 -36.57 5.17
C ASP F 14 9.35 -35.90 3.82
N VAL F 15 10.62 -35.62 3.53
CA VAL F 15 11.08 -34.98 2.30
C VAL F 15 10.15 -35.03 1.10
N GLU F 16 9.58 -36.20 0.83
CA GLU F 16 8.69 -36.38 -0.31
C GLU F 16 7.24 -36.02 0.00
N GLU F 17 6.71 -36.64 1.05
CA GLU F 17 5.32 -36.41 1.46
C GLU F 17 4.97 -34.94 1.73
N HIS F 18 5.92 -34.19 2.29
CA HIS F 18 5.70 -32.78 2.60
C HIS F 18 6.41 -31.82 1.65
N LEU F 19 7.63 -32.15 1.21
CA LEU F 19 8.36 -31.28 0.29
C LEU F 19 8.66 -31.93 -1.05
N PRO F 20 7.62 -32.19 -1.86
CA PRO F 20 7.87 -32.82 -3.15
C PRO F 20 8.63 -31.90 -4.11
N GLY F 21 9.72 -32.43 -4.67
CA GLY F 21 10.53 -31.67 -5.61
C GLY F 21 11.86 -31.27 -5.02
N ILE F 22 11.97 -31.38 -3.71
CA ILE F 22 13.19 -31.01 -3.01
C ILE F 22 14.37 -31.86 -3.52
N SER F 23 15.55 -31.25 -3.63
CA SER F 23 16.75 -31.97 -4.09
C SER F 23 17.26 -32.95 -3.03
N ASP F 24 18.47 -33.45 -3.23
CA ASP F 24 19.06 -34.38 -2.27
C ASP F 24 19.93 -33.65 -1.25
N SER F 25 20.63 -32.62 -1.71
CA SER F 25 21.48 -31.82 -0.83
C SER F 25 20.78 -31.51 0.49
N PHE F 26 19.46 -31.34 0.42
CA PHE F 26 18.64 -31.06 1.60
C PHE F 26 18.58 -32.28 2.51
N VAL F 27 18.17 -33.40 1.92
CA VAL F 27 18.06 -34.65 2.66
C VAL F 27 19.39 -35.00 3.27
N ASP F 28 20.49 -34.70 2.58
CA ASP F 28 21.80 -35.02 3.13
C ASP F 28 22.13 -34.10 4.29
N TRP F 29 21.74 -32.84 4.16
CA TRP F 29 21.97 -31.81 5.17
C TRP F 29 21.34 -32.17 6.51
N VAL F 30 20.03 -32.38 6.50
CA VAL F 30 19.34 -32.73 7.73
C VAL F 30 19.98 -33.94 8.39
N THR F 31 20.57 -34.81 7.57
CA THR F 31 21.22 -36.02 8.07
C THR F 31 22.61 -35.74 8.63
N GLY F 32 23.42 -35.03 7.85
CA GLY F 32 24.77 -34.70 8.31
C GLY F 32 24.80 -33.65 9.40
N GLN F 33 23.93 -33.79 10.38
CA GLN F 33 23.90 -32.85 11.47
C GLN F 33 23.56 -33.64 12.71
N ILE F 34 24.56 -33.85 13.56
CA ILE F 34 24.37 -34.61 14.79
C ILE F 34 24.19 -33.72 16.00
N TRP F 35 23.14 -34.00 16.79
CA TRP F 35 22.84 -33.23 18.00
C TRP F 35 23.40 -33.89 19.24
N GLU F 36 23.93 -33.06 20.12
CA GLU F 36 24.53 -33.49 21.40
C GLU F 36 23.97 -32.65 22.54
N LEU F 37 23.61 -33.32 23.63
CA LEU F 37 23.07 -32.66 24.81
C LEU F 37 24.15 -31.93 25.61
N PRO F 38 23.98 -30.62 25.86
CA PRO F 38 24.98 -29.87 26.63
C PRO F 38 25.10 -30.46 28.04
N PRO F 39 26.20 -30.21 28.73
CA PRO F 39 26.46 -30.71 30.08
C PRO F 39 25.31 -30.58 31.11
N GLU F 40 24.78 -29.37 31.29
CA GLU F 40 23.69 -29.13 32.25
C GLU F 40 22.34 -29.78 31.92
N SER F 41 22.23 -30.40 30.74
CA SER F 41 20.98 -31.06 30.33
C SER F 41 20.79 -32.37 31.07
N ASP F 42 19.63 -32.99 30.91
CA ASP F 42 19.35 -34.26 31.59
C ASP F 42 18.31 -35.05 30.80
N LEU F 43 18.09 -34.61 29.56
CA LEU F 43 17.12 -35.23 28.67
C LEU F 43 17.62 -36.52 28.05
N ASN F 44 16.68 -37.39 27.72
CA ASN F 44 16.99 -38.67 27.10
C ASN F 44 17.18 -38.41 25.61
N LEU F 45 18.42 -38.25 25.19
CA LEU F 45 18.71 -37.96 23.80
C LEU F 45 18.09 -38.97 22.84
N THR F 46 17.79 -40.16 23.34
CA THR F 46 17.20 -41.22 22.54
C THR F 46 15.78 -40.89 22.10
N LEU F 47 15.15 -39.95 22.81
CA LEU F 47 13.79 -39.56 22.51
C LEU F 47 13.72 -38.24 21.75
N VAL F 48 14.83 -37.88 21.12
CA VAL F 48 14.93 -36.64 20.37
C VAL F 48 15.17 -36.89 18.88
N GLU F 49 14.10 -36.83 18.11
CA GLU F 49 14.12 -37.03 16.67
C GLU F 49 15.05 -36.00 16.07
N GLN F 50 16.33 -36.36 15.94
CA GLN F 50 17.33 -35.44 15.40
C GLN F 50 17.05 -34.88 13.99
N PRO F 51 16.65 -35.74 13.02
CA PRO F 51 16.37 -35.27 11.65
C PRO F 51 15.40 -34.08 11.58
N GLN F 52 14.34 -34.14 12.39
CA GLN F 52 13.35 -33.07 12.44
C GLN F 52 13.96 -31.87 13.16
N LEU F 53 14.53 -32.11 14.32
CA LEU F 53 15.14 -31.06 15.11
C LEU F 53 16.08 -30.25 14.24
N THR F 54 16.80 -30.92 13.36
CA THR F 54 17.74 -30.26 12.48
C THR F 54 17.01 -29.23 11.66
N VAL F 55 15.80 -29.57 11.21
CA VAL F 55 15.00 -28.66 10.40
C VAL F 55 14.44 -27.55 11.31
N ALA F 56 13.76 -27.95 12.36
CA ALA F 56 13.19 -27.02 13.32
C ALA F 56 14.21 -25.97 13.73
N ASP F 57 15.46 -26.37 13.93
CA ASP F 57 16.49 -25.42 14.34
C ASP F 57 16.67 -24.34 13.27
N ARG F 58 16.93 -24.78 12.04
CA ARG F 58 17.14 -23.87 10.91
C ARG F 58 15.97 -22.90 10.82
N ILE F 59 14.76 -23.44 10.94
CA ILE F 59 13.57 -22.60 10.87
C ILE F 59 13.71 -21.54 11.91
N ARG F 60 13.92 -21.99 13.15
CA ARG F 60 14.09 -21.09 14.29
C ARG F 60 15.12 -20.01 14.02
N ARG F 61 16.29 -20.42 13.58
CA ARG F 61 17.31 -19.45 13.30
C ARG F 61 16.83 -18.38 12.35
N VAL F 62 16.54 -18.77 11.11
CA VAL F 62 16.07 -17.82 10.12
C VAL F 62 14.91 -16.95 10.60
N PHE F 63 13.99 -17.54 11.36
CA PHE F 63 12.86 -16.79 11.88
C PHE F 63 13.36 -15.68 12.77
N LEU F 64 14.11 -16.04 13.82
CA LEU F 64 14.62 -15.02 14.75
C LEU F 64 15.42 -13.96 13.99
N TYR F 65 16.44 -14.40 13.27
CA TYR F 65 17.27 -13.49 12.49
C TYR F 65 16.43 -12.49 11.69
N GLU F 66 15.57 -13.03 10.83
CA GLU F 66 14.74 -12.19 10.01
C GLU F 66 13.87 -11.30 10.90
N TRP F 67 13.48 -11.79 12.08
CA TRP F 67 12.62 -11.04 12.98
C TRP F 67 13.29 -9.84 13.60
N ASN F 68 14.53 -10.01 14.04
CA ASN F 68 15.26 -8.89 14.62
C ASN F 68 15.41 -7.78 13.60
N LYS F 69 15.38 -8.14 12.32
CA LYS F 69 15.52 -7.16 11.23
C LYS F 69 14.35 -6.17 11.32
N PHE F 70 13.22 -6.64 11.85
CA PHE F 70 12.04 -5.82 12.00
C PHE F 70 12.07 -5.08 13.33
N SER F 71 12.19 -5.85 14.40
CA SER F 71 12.25 -5.29 15.76
C SER F 71 13.41 -4.31 15.93
N LYS F 72 14.32 -4.32 14.97
CA LYS F 72 15.45 -3.41 15.04
C LYS F 72 16.24 -3.67 16.34
N GLN F 73 16.10 -4.87 16.89
CA GLN F 73 16.80 -5.18 18.13
C GLN F 73 17.01 -6.66 18.40
N GLU F 74 17.57 -6.96 19.58
CA GLU F 74 17.81 -8.34 20.04
C GLU F 74 16.56 -8.76 20.82
N SER F 75 15.56 -9.22 20.09
CA SER F 75 14.30 -9.64 20.68
C SER F 75 14.43 -10.84 21.60
N LYS F 76 13.95 -10.68 22.84
CA LYS F 76 14.00 -11.76 23.80
C LYS F 76 13.04 -12.82 23.31
N PHE F 77 13.46 -14.08 23.37
CA PHE F 77 12.60 -15.14 22.88
C PHE F 77 12.67 -16.43 23.66
N PHE F 78 11.88 -17.40 23.18
CA PHE F 78 11.84 -18.71 23.80
C PHE F 78 11.13 -19.69 22.89
N VAL F 79 11.91 -20.43 22.13
CA VAL F 79 11.38 -21.40 21.19
C VAL F 79 11.37 -22.79 21.78
N GLN F 80 10.28 -23.52 21.61
CA GLN F 80 10.23 -24.89 22.10
C GLN F 80 9.76 -25.83 21.01
N PHE F 81 10.58 -26.81 20.67
CA PHE F 81 10.24 -27.77 19.63
C PHE F 81 9.40 -28.89 20.24
N GLU F 82 8.19 -29.05 19.73
CA GLU F 82 7.31 -30.07 20.26
C GLU F 82 6.92 -31.09 19.22
N LYS F 83 6.55 -32.27 19.69
CA LYS F 83 6.12 -33.36 18.83
C LYS F 83 4.75 -33.81 19.33
N GLY F 84 3.76 -33.64 18.47
CA GLY F 84 2.41 -34.02 18.84
C GLY F 84 1.80 -35.15 18.06
N SER F 85 0.48 -35.26 18.19
CA SER F 85 -0.30 -36.28 17.53
C SER F 85 -0.26 -36.13 16.01
N GLU F 86 -0.37 -34.90 15.53
CA GLU F 86 -0.38 -34.62 14.09
C GLU F 86 1.02 -34.55 13.50
N TYR F 87 1.83 -33.61 14.01
CA TYR F 87 3.19 -33.42 13.56
C TYR F 87 4.00 -32.46 14.45
N PHE F 88 5.31 -32.38 14.20
CA PHE F 88 6.21 -31.52 14.96
C PHE F 88 5.89 -30.06 14.67
N HIS F 89 6.05 -29.22 15.68
CA HIS F 89 5.77 -27.81 15.51
C HIS F 89 6.47 -26.92 16.52
N LEU F 90 7.25 -25.97 16.02
CA LEU F 90 8.00 -25.01 16.83
C LEU F 90 7.15 -23.93 17.48
N HIS F 91 7.01 -23.97 18.80
CA HIS F 91 6.28 -22.93 19.51
C HIS F 91 7.24 -21.78 19.69
N THR F 92 7.03 -20.71 18.96
CA THR F 92 7.92 -19.58 19.06
C THR F 92 7.25 -18.42 19.81
N LEU F 93 8.01 -17.78 20.71
CA LEU F 93 7.53 -16.63 21.49
C LEU F 93 8.52 -15.49 21.34
N VAL F 94 8.14 -14.46 20.60
CA VAL F 94 9.01 -13.30 20.42
C VAL F 94 8.35 -12.10 21.08
N GLU F 95 9.17 -11.18 21.57
CA GLU F 95 8.62 -9.99 22.21
C GLU F 95 8.08 -9.01 21.17
N THR F 96 6.90 -8.50 21.49
CA THR F 96 6.21 -7.57 20.63
C THR F 96 7.06 -6.33 20.35
N SER F 97 7.89 -5.94 21.30
CA SER F 97 8.71 -4.73 21.15
C SER F 97 9.05 -4.41 19.69
N GLY F 98 8.27 -3.51 19.10
CA GLY F 98 8.51 -3.08 17.74
C GLY F 98 7.58 -3.54 16.62
N ILE F 99 6.72 -4.51 16.90
CA ILE F 99 5.83 -5.02 15.88
C ILE F 99 4.37 -4.80 16.33
N SER F 100 3.69 -3.88 15.66
CA SER F 100 2.30 -3.56 15.96
C SER F 100 1.39 -4.72 15.63
N SER F 101 0.40 -5.02 16.46
CA SER F 101 -0.46 -6.16 16.12
C SER F 101 -1.18 -6.01 14.76
N MET F 102 -1.42 -4.78 14.32
CA MET F 102 -2.09 -4.59 13.05
C MET F 102 -1.22 -5.08 11.89
N VAL F 103 0.09 -4.94 12.01
CA VAL F 103 1.00 -5.38 10.95
C VAL F 103 1.83 -6.64 11.25
N LEU F 104 1.42 -7.40 12.24
CA LEU F 104 2.14 -8.60 12.58
C LEU F 104 2.40 -9.43 11.32
N GLY F 105 1.35 -10.06 10.79
CA GLY F 105 1.49 -10.86 9.57
C GLY F 105 2.44 -10.33 8.50
N ARG F 106 2.05 -9.26 7.82
CA ARG F 106 2.88 -8.70 6.76
C ARG F 106 4.35 -9.00 7.05
N TYR F 107 4.74 -8.91 8.31
CA TYR F 107 6.12 -9.23 8.62
C TYR F 107 6.22 -10.75 8.79
N VAL F 108 5.42 -11.30 9.68
CA VAL F 108 5.47 -12.73 9.87
C VAL F 108 5.55 -13.41 8.51
N SER F 109 4.61 -13.06 7.63
CA SER F 109 4.55 -13.65 6.30
C SER F 109 5.77 -13.32 5.48
N GLN F 110 6.38 -12.17 5.76
CA GLN F 110 7.57 -11.85 5.04
C GLN F 110 8.59 -12.93 5.40
N ILE F 111 8.50 -13.40 6.64
CA ILE F 111 9.42 -14.44 7.10
C ILE F 111 9.12 -15.76 6.43
N ARG F 112 7.85 -16.15 6.50
CA ARG F 112 7.44 -17.40 5.91
C ARG F 112 8.10 -17.51 4.56
N ALA F 113 7.86 -16.53 3.71
CA ALA F 113 8.46 -16.57 2.39
C ALA F 113 9.97 -16.79 2.46
N GLN F 114 10.61 -16.21 3.47
CA GLN F 114 12.04 -16.36 3.59
C GLN F 114 12.41 -17.79 3.90
N LEU F 115 11.76 -18.35 4.93
CA LEU F 115 12.01 -19.72 5.32
C LEU F 115 12.02 -20.60 4.09
N VAL F 116 11.02 -20.41 3.24
CA VAL F 116 10.91 -21.22 2.04
C VAL F 116 12.14 -21.13 1.15
N LYS F 117 12.51 -19.90 0.79
CA LYS F 117 13.66 -19.69 -0.07
C LYS F 117 14.97 -20.21 0.51
N VAL F 118 15.15 -19.99 1.80
CA VAL F 118 16.37 -20.41 2.46
C VAL F 118 16.34 -21.86 2.93
N VAL F 119 15.48 -22.14 3.89
CA VAL F 119 15.42 -23.50 4.41
C VAL F 119 15.01 -24.57 3.40
N PHE F 120 13.87 -24.40 2.75
CA PHE F 120 13.38 -25.40 1.82
C PHE F 120 13.63 -25.13 0.34
N GLN F 121 14.67 -24.37 0.05
CA GLN F 121 15.01 -24.05 -1.33
C GLN F 121 13.78 -23.77 -2.20
N GLY F 122 13.08 -22.67 -1.91
CA GLY F 122 11.90 -22.28 -2.68
C GLY F 122 10.81 -23.31 -2.87
N ILE F 123 10.70 -24.27 -1.97
CA ILE F 123 9.67 -25.28 -2.10
C ILE F 123 8.57 -25.12 -1.07
N GLU F 124 7.36 -24.83 -1.54
CA GLU F 124 6.26 -24.63 -0.61
C GLU F 124 5.79 -25.91 0.10
N PRO F 125 6.07 -26.03 1.41
CA PRO F 125 5.68 -27.20 2.19
C PRO F 125 4.20 -27.51 2.06
N GLN F 126 3.90 -28.73 1.63
CA GLN F 126 2.51 -29.10 1.48
C GLN F 126 1.84 -29.36 2.83
N ILE F 127 1.95 -28.42 3.75
CA ILE F 127 1.32 -28.59 5.06
C ILE F 127 0.36 -27.44 5.34
N ASN F 128 -0.85 -27.79 5.75
CA ASN F 128 -1.87 -26.78 6.04
C ASN F 128 -1.48 -25.88 7.21
N ASP F 129 -1.36 -24.58 6.92
CA ASP F 129 -1.00 -23.58 7.93
C ASP F 129 0.26 -23.98 8.70
N TRP F 130 1.38 -24.13 8.00
CA TRP F 130 2.56 -24.51 8.71
C TRP F 130 3.19 -23.34 9.45
N VAL F 131 2.55 -22.18 9.36
CA VAL F 131 3.07 -20.98 10.04
C VAL F 131 1.88 -20.14 10.48
N ALA F 132 1.26 -20.52 11.59
CA ALA F 132 0.10 -19.82 12.07
C ALA F 132 0.27 -18.92 13.26
N ILE F 133 -0.19 -17.67 13.16
CA ILE F 133 -0.08 -16.77 14.29
C ILE F 133 -1.19 -17.12 15.27
N THR F 134 -0.85 -17.20 16.55
CA THR F 134 -1.84 -17.56 17.57
C THR F 134 -2.85 -16.47 17.81
N LYS F 135 -4.10 -16.78 17.49
CA LYS F 135 -5.19 -15.83 17.65
C LYS F 135 -6.01 -16.08 18.92
N VAL F 136 -6.37 -15.00 19.61
CA VAL F 136 -7.15 -15.10 20.84
C VAL F 136 -8.45 -15.81 20.64
N LYS F 137 -8.84 -15.99 19.38
CA LYS F 137 -10.08 -16.68 19.03
C LYS F 137 -10.29 -16.51 17.55
N LYS F 138 -11.53 -16.71 17.12
CA LYS F 138 -11.91 -16.58 15.73
C LYS F 138 -12.17 -15.11 15.41
N GLY F 139 -11.49 -14.61 14.37
CA GLY F 139 -11.65 -13.22 14.00
C GLY F 139 -11.09 -12.32 15.08
N GLY F 140 -10.41 -12.96 16.02
CA GLY F 140 -9.83 -12.26 17.16
C GLY F 140 -8.51 -11.58 16.88
N ALA F 141 -7.92 -11.06 17.95
CA ALA F 141 -6.65 -10.36 17.84
C ALA F 141 -5.47 -11.30 17.97
N ASN F 142 -4.32 -10.79 17.61
CA ASN F 142 -3.16 -11.61 17.74
C ASN F 142 -2.87 -11.72 19.24
N LYS F 143 -3.07 -12.92 19.78
CA LYS F 143 -2.80 -13.17 21.19
C LYS F 143 -1.37 -12.70 21.51
N VAL F 144 -1.24 -12.05 22.68
CA VAL F 144 0.02 -11.53 23.22
C VAL F 144 0.06 -11.85 24.72
N VAL F 145 1.00 -12.70 25.13
CA VAL F 145 1.15 -13.09 26.52
C VAL F 145 2.44 -12.52 27.12
N ASP F 146 2.62 -12.74 28.42
CA ASP F 146 3.81 -12.27 29.17
C ASP F 146 4.69 -13.47 29.52
N SER F 147 5.87 -13.20 30.06
CA SER F 147 6.83 -14.23 30.45
C SER F 147 6.15 -15.44 31.09
N GLY F 148 5.28 -15.18 32.06
CA GLY F 148 4.59 -16.26 32.74
C GLY F 148 4.05 -17.36 31.87
N TYR F 149 3.82 -17.08 30.59
CA TYR F 149 3.27 -18.09 29.68
C TYR F 149 4.22 -19.30 29.50
N ILE F 150 5.53 -19.03 29.55
CA ILE F 150 6.51 -20.09 29.38
C ILE F 150 6.43 -21.18 30.47
N PRO F 151 6.56 -20.79 31.74
CA PRO F 151 6.46 -21.84 32.75
C PRO F 151 5.04 -22.38 32.89
N ALA F 152 4.06 -21.57 32.53
CA ALA F 152 2.66 -21.96 32.64
C ALA F 152 2.20 -23.03 31.65
N TYR F 153 2.68 -22.95 30.41
CA TYR F 153 2.25 -23.93 29.42
C TYR F 153 3.36 -24.65 28.68
N LEU F 154 4.49 -23.97 28.52
CA LEU F 154 5.61 -24.55 27.80
C LEU F 154 6.51 -25.48 28.61
N LEU F 155 6.98 -25.01 29.77
CA LEU F 155 7.86 -25.82 30.61
C LEU F 155 7.35 -27.20 31.05
N PRO F 156 6.09 -27.26 31.50
CA PRO F 156 5.50 -28.52 31.95
C PRO F 156 5.72 -29.73 31.01
N LYS F 157 5.82 -29.45 29.71
CA LYS F 157 6.02 -30.50 28.70
C LYS F 157 7.23 -31.39 29.00
N VAL F 158 7.05 -32.70 28.80
CA VAL F 158 8.12 -33.67 29.03
C VAL F 158 8.16 -34.65 27.88
N GLN F 159 9.36 -35.19 27.62
CA GLN F 159 9.53 -36.15 26.53
C GLN F 159 8.51 -37.26 26.56
N PRO F 160 8.15 -37.78 25.38
CA PRO F 160 8.63 -37.44 24.04
C PRO F 160 8.00 -36.19 23.45
N GLU F 161 6.92 -35.72 24.07
CA GLU F 161 6.24 -34.53 23.58
C GLU F 161 7.24 -33.39 23.44
N LEU F 162 8.07 -33.21 24.46
CA LEU F 162 9.10 -32.17 24.42
C LEU F 162 10.31 -32.71 23.66
N GLN F 163 10.87 -31.91 22.77
CA GLN F 163 12.01 -32.37 21.99
C GLN F 163 13.23 -31.51 22.23
N TRP F 164 13.03 -30.22 22.45
CA TRP F 164 14.15 -29.33 22.65
C TRP F 164 13.63 -27.93 22.97
N ALA F 165 14.55 -26.99 23.14
CA ALA F 165 14.15 -25.64 23.44
C ALA F 165 15.31 -24.70 23.29
N TRP F 166 14.97 -23.44 23.11
CA TRP F 166 15.97 -22.40 22.95
C TRP F 166 15.50 -21.20 23.75
N THR F 167 16.36 -20.22 23.92
CA THR F 167 16.03 -18.98 24.65
C THR F 167 17.23 -18.15 25.07
N ASN F 168 17.12 -16.85 24.83
CA ASN F 168 18.16 -15.90 25.21
C ASN F 168 17.70 -15.24 26.52
N LEU F 169 16.59 -15.75 27.04
CA LEU F 169 16.01 -15.27 28.28
C LEU F 169 16.64 -15.98 29.50
N ASP F 170 17.72 -15.40 30.03
CA ASP F 170 18.46 -15.95 31.17
C ASP F 170 17.61 -16.69 32.18
N GLU F 171 16.53 -16.07 32.61
CA GLU F 171 15.69 -16.70 33.60
C GLU F 171 15.31 -18.14 33.31
N TYR F 172 15.41 -18.56 32.06
CA TYR F 172 15.06 -19.94 31.72
C TYR F 172 16.10 -20.66 30.91
N LYS F 173 17.30 -20.10 30.80
CA LYS F 173 18.35 -20.75 30.03
C LYS F 173 18.67 -22.17 30.48
N LEU F 174 18.45 -22.49 31.75
CA LEU F 174 18.73 -23.86 32.24
C LEU F 174 17.48 -24.76 32.14
N ALA F 175 16.29 -24.14 32.25
CA ALA F 175 15.03 -24.87 32.16
C ALA F 175 14.81 -25.35 30.72
N ALA F 176 15.58 -24.76 29.80
CA ALA F 176 15.49 -25.10 28.39
C ALA F 176 15.57 -26.61 28.18
N LEU F 177 16.76 -27.14 28.42
CA LEU F 177 17.02 -28.54 28.26
C LEU F 177 17.17 -29.35 29.57
N ASN F 178 16.53 -28.91 30.65
CA ASN F 178 16.62 -29.66 31.90
C ASN F 178 15.28 -29.88 32.62
N LEU F 179 14.70 -31.06 32.43
CA LEU F 179 13.44 -31.44 33.03
C LEU F 179 13.39 -31.11 34.53
N GLU F 180 14.56 -31.13 35.19
CA GLU F 180 14.63 -30.84 36.64
C GLU F 180 14.41 -29.36 36.90
N GLU F 181 15.26 -28.53 36.29
CA GLU F 181 15.16 -27.09 36.44
C GLU F 181 13.73 -26.65 36.15
N ARG F 182 13.14 -27.26 35.12
CA ARG F 182 11.77 -26.94 34.74
C ARG F 182 10.80 -27.26 35.85
N LYS F 183 10.79 -28.51 36.27
CA LYS F 183 9.88 -28.94 37.33
C LYS F 183 9.90 -27.97 38.50
N ARG F 184 11.04 -27.31 38.69
CA ARG F 184 11.24 -26.35 39.77
C ARG F 184 10.42 -25.08 39.56
N LEU F 185 10.77 -24.37 38.50
CA LEU F 185 10.12 -23.14 38.12
C LEU F 185 8.64 -23.39 37.88
N VAL F 186 8.32 -24.54 37.30
CA VAL F 186 6.92 -24.89 37.04
C VAL F 186 6.13 -24.94 38.33
N ALA F 187 6.78 -25.45 39.36
CA ALA F 187 6.17 -25.57 40.68
C ALA F 187 6.08 -24.17 41.30
N GLN F 188 7.21 -23.48 41.33
CA GLN F 188 7.29 -22.12 41.86
C GLN F 188 6.14 -21.28 41.33
N PHE F 189 6.03 -21.27 40.01
CA PHE F 189 4.98 -20.53 39.33
C PHE F 189 3.61 -20.84 39.93
N LEU F 190 3.24 -22.12 39.90
CA LEU F 190 1.95 -22.57 40.43
C LEU F 190 1.74 -22.07 41.86
N ALA F 191 2.85 -21.76 42.52
CA ALA F 191 2.83 -21.29 43.89
C ALA F 191 2.49 -19.82 44.01
N GLU F 192 3.34 -18.99 43.44
CA GLU F 192 3.15 -17.54 43.47
C GLU F 192 1.97 -17.10 42.61
N SER F 193 0.78 -17.60 42.93
CA SER F 193 -0.42 -17.25 42.19
C SER F 193 -1.69 -17.67 42.95
N MET G 1 -39.96 -0.34 0.82
CA MET G 1 -40.64 0.72 1.64
C MET G 1 -39.60 1.35 2.54
N ALA G 2 -40.03 2.26 3.40
CA ALA G 2 -39.15 2.95 4.33
C ALA G 2 -38.85 2.14 5.60
N THR G 3 -37.60 1.73 5.75
CA THR G 3 -37.18 0.96 6.92
C THR G 3 -36.17 1.76 7.72
N PHE G 4 -36.25 1.64 9.04
CA PHE G 4 -35.33 2.40 9.88
C PHE G 4 -34.55 1.62 10.96
N TYR G 5 -33.40 2.17 11.33
CA TYR G 5 -32.55 1.61 12.34
C TYR G 5 -32.78 2.51 13.56
N GLU G 6 -32.65 1.96 14.75
CA GLU G 6 -32.84 2.78 15.93
C GLU G 6 -31.60 2.85 16.81
N VAL G 7 -31.03 4.05 16.95
CA VAL G 7 -29.87 4.26 17.81
C VAL G 7 -30.28 5.20 18.94
N ILE G 8 -30.16 4.72 20.18
CA ILE G 8 -30.52 5.50 21.36
C ILE G 8 -29.27 6.11 22.00
N VAL G 9 -29.18 7.43 22.08
CA VAL G 9 -28.03 8.06 22.68
C VAL G 9 -28.43 8.70 23.99
N ARG G 10 -27.59 8.53 25.02
CA ARG G 10 -27.85 9.11 26.34
C ARG G 10 -27.16 10.49 26.36
N VAL G 11 -27.93 11.57 26.31
CA VAL G 11 -27.36 12.90 26.33
C VAL G 11 -26.84 13.26 27.70
N PRO G 12 -25.50 13.40 27.82
CA PRO G 12 -24.86 13.75 29.09
C PRO G 12 -25.34 15.13 29.56
N PHE G 13 -26.20 15.14 30.57
CA PHE G 13 -26.77 16.37 31.09
C PHE G 13 -26.04 17.00 32.28
N ASP G 14 -25.06 16.31 32.86
CA ASP G 14 -24.37 16.89 33.99
C ASP G 14 -22.89 17.16 33.78
N VAL G 15 -22.63 18.30 33.16
CA VAL G 15 -21.28 18.74 32.87
C VAL G 15 -20.15 18.05 33.68
N GLU G 16 -20.22 18.11 35.00
CA GLU G 16 -19.16 17.52 35.84
C GLU G 16 -19.30 16.02 36.11
N GLU G 17 -20.46 15.65 36.64
CA GLU G 17 -20.74 14.26 36.96
C GLU G 17 -20.60 13.32 35.77
N HIS G 18 -20.88 13.82 34.57
CA HIS G 18 -20.79 12.99 33.36
C HIS G 18 -19.60 13.31 32.47
N LEU G 19 -19.24 14.58 32.37
CA LEU G 19 -18.11 14.95 31.54
C LEU G 19 -17.01 15.61 32.35
N PRO G 20 -16.31 14.82 33.17
CA PRO G 20 -15.25 15.39 33.98
C PRO G 20 -14.02 15.81 33.14
N GLY G 21 -13.66 17.09 33.21
CA GLY G 21 -12.51 17.59 32.47
C GLY G 21 -12.88 18.61 31.41
N ILE G 22 -14.16 18.63 31.06
CA ILE G 22 -14.68 19.53 30.05
C ILE G 22 -14.35 20.98 30.45
N SER G 23 -14.13 21.85 29.47
CA SER G 23 -13.81 23.25 29.75
C SER G 23 -15.08 24.00 30.08
N ASP G 24 -14.97 25.33 30.14
CA ASP G 24 -16.11 26.20 30.44
C ASP G 24 -16.84 26.62 29.17
N SER G 25 -16.09 26.88 28.10
CA SER G 25 -16.70 27.28 26.85
C SER G 25 -17.90 26.38 26.54
N PHE G 26 -17.83 25.12 26.93
CA PHE G 26 -18.92 24.17 26.70
C PHE G 26 -20.12 24.52 27.57
N VAL G 27 -19.87 24.64 28.86
CA VAL G 27 -20.93 24.96 29.81
C VAL G 27 -21.56 26.31 29.44
N ASP G 28 -20.78 27.21 28.86
CA ASP G 28 -21.31 28.52 28.46
C ASP G 28 -22.15 28.40 27.19
N TRP G 29 -21.72 27.52 26.29
CA TRP G 29 -22.42 27.29 25.02
C TRP G 29 -23.84 26.77 25.26
N VAL G 30 -23.94 25.65 25.97
CA VAL G 30 -25.24 25.08 26.26
C VAL G 30 -26.16 26.12 26.89
N THR G 31 -25.60 27.05 27.66
CA THR G 31 -26.40 28.06 28.32
C THR G 31 -26.83 29.17 27.38
N GLY G 32 -25.89 29.65 26.59
CA GLY G 32 -26.18 30.72 25.64
C GLY G 32 -26.93 30.23 24.42
N GLN G 33 -27.97 29.43 24.64
CA GLN G 33 -28.75 28.92 23.53
C GLN G 33 -30.16 28.83 24.06
N ILE G 34 -30.99 29.78 23.65
CA ILE G 34 -32.38 29.81 24.10
C ILE G 34 -33.31 29.17 23.09
N TRP G 35 -34.15 28.24 23.54
CA TRP G 35 -35.10 27.57 22.66
C TRP G 35 -36.47 28.24 22.59
N GLU G 36 -37.05 28.27 21.40
CA GLU G 36 -38.34 28.88 21.21
C GLU G 36 -39.25 27.93 20.42
N LEU G 37 -40.50 27.85 20.86
CA LEU G 37 -41.51 27.01 20.22
C LEU G 37 -42.08 27.68 18.96
N PRO G 38 -41.98 26.99 17.82
CA PRO G 38 -42.49 27.48 16.53
C PRO G 38 -43.99 27.67 16.66
N PRO G 39 -44.58 28.53 15.79
CA PRO G 39 -46.01 28.85 15.75
C PRO G 39 -47.00 27.68 15.85
N GLU G 40 -46.86 26.70 14.95
CA GLU G 40 -47.75 25.53 14.95
C GLU G 40 -47.69 24.65 16.19
N SER G 41 -46.69 24.86 17.05
CA SER G 41 -46.54 24.04 18.27
C SER G 41 -47.63 24.32 19.27
N ASP G 42 -47.59 23.61 20.38
CA ASP G 42 -48.59 23.80 21.42
C ASP G 42 -48.06 23.22 22.72
N LEU G 43 -46.74 23.04 22.75
CA LEU G 43 -46.09 22.47 23.93
C LEU G 43 -45.81 23.48 25.02
N ASN G 44 -45.81 23.00 26.27
CA ASN G 44 -45.53 23.84 27.42
C ASN G 44 -44.03 23.99 27.54
N LEU G 45 -43.52 25.06 26.95
CA LEU G 45 -42.09 25.31 26.97
C LEU G 45 -41.49 25.28 28.39
N THR G 46 -42.34 25.36 29.41
CA THR G 46 -41.88 25.33 30.80
C THR G 46 -41.33 23.96 31.17
N LEU G 47 -41.88 22.94 30.52
CA LEU G 47 -41.50 21.55 30.74
C LEU G 47 -40.45 21.03 29.76
N VAL G 48 -39.69 21.94 29.18
CA VAL G 48 -38.65 21.59 28.22
C VAL G 48 -37.27 21.99 28.72
N GLU G 49 -36.56 21.03 29.31
CA GLU G 49 -35.21 21.23 29.84
C GLU G 49 -34.30 21.77 28.72
N GLN G 50 -34.26 23.08 28.57
CA GLN G 50 -33.45 23.70 27.52
C GLN G 50 -31.97 23.33 27.50
N PRO G 51 -31.27 23.42 28.64
CA PRO G 51 -29.85 23.06 28.68
C PRO G 51 -29.54 21.70 28.08
N GLN G 52 -30.30 20.66 28.44
CA GLN G 52 -30.05 19.35 27.87
C GLN G 52 -30.38 19.37 26.39
N LEU G 53 -31.58 19.85 26.06
CA LEU G 53 -32.04 19.93 24.68
C LEU G 53 -30.99 20.54 23.78
N THR G 54 -30.23 21.49 24.32
CA THR G 54 -29.19 22.15 23.54
C THR G 54 -28.12 21.14 23.18
N VAL G 55 -27.80 20.25 24.11
CA VAL G 55 -26.79 19.22 23.83
C VAL G 55 -27.35 18.16 22.90
N ALA G 56 -28.54 17.67 23.24
CA ALA G 56 -29.23 16.68 22.44
C ALA G 56 -29.34 17.10 20.97
N ASP G 57 -29.60 18.39 20.73
CA ASP G 57 -29.71 18.94 19.36
C ASP G 57 -28.37 18.79 18.64
N ARG G 58 -27.30 19.28 19.27
CA ARG G 58 -25.95 19.18 18.70
C ARG G 58 -25.69 17.73 18.33
N ILE G 59 -25.92 16.85 19.30
CA ILE G 59 -25.73 15.43 19.11
C ILE G 59 -26.44 14.99 17.82
N ARG G 60 -27.76 15.23 17.77
CA ARG G 60 -28.60 14.88 16.61
C ARG G 60 -28.10 15.44 15.29
N ARG G 61 -27.61 16.68 15.33
CA ARG G 61 -27.13 17.29 14.10
C ARG G 61 -25.93 16.53 13.61
N VAL G 62 -24.90 16.44 14.45
CA VAL G 62 -23.69 15.73 14.07
C VAL G 62 -24.02 14.31 13.66
N PHE G 63 -24.90 13.66 14.40
CA PHE G 63 -25.23 12.29 14.08
C PHE G 63 -25.76 12.18 12.65
N LEU G 64 -26.84 12.90 12.34
CA LEU G 64 -27.42 12.85 11.00
C LEU G 64 -26.39 13.24 9.94
N TYR G 65 -25.67 14.32 10.19
CA TYR G 65 -24.68 14.80 9.25
C TYR G 65 -23.71 13.68 8.89
N GLU G 66 -22.99 13.21 9.89
CA GLU G 66 -22.01 12.13 9.72
C GLU G 66 -22.66 10.91 9.06
N TRP G 67 -23.89 10.62 9.45
CA TRP G 67 -24.61 9.50 8.89
C TRP G 67 -24.85 9.66 7.38
N ASN G 68 -25.29 10.82 6.93
CA ASN G 68 -25.53 11.03 5.50
C ASN G 68 -24.26 10.83 4.67
N LYS G 69 -23.11 10.98 5.32
CA LYS G 69 -21.81 10.79 4.68
C LYS G 69 -21.71 9.32 4.29
N PHE G 70 -22.39 8.47 5.04
CA PHE G 70 -22.35 7.04 4.79
C PHE G 70 -23.42 6.64 3.79
N SER G 71 -24.68 6.89 4.15
CA SER G 71 -25.82 6.56 3.31
C SER G 71 -25.72 7.22 1.94
N LYS G 72 -24.78 8.15 1.78
CA LYS G 72 -24.60 8.83 0.50
C LYS G 72 -25.88 9.52 0.02
N GLN G 73 -26.72 9.95 0.96
CA GLN G 73 -27.96 10.60 0.57
C GLN G 73 -28.62 11.34 1.72
N GLU G 74 -29.80 11.90 1.45
CA GLU G 74 -30.59 12.61 2.46
C GLU G 74 -31.45 11.55 3.15
N SER G 75 -30.91 10.95 4.21
CA SER G 75 -31.63 9.92 4.92
C SER G 75 -32.87 10.44 5.66
N LYS G 76 -34.01 9.83 5.39
CA LYS G 76 -35.25 10.22 6.06
C LYS G 76 -35.07 9.83 7.52
N PHE G 77 -35.48 10.70 8.44
CA PHE G 77 -35.32 10.40 9.87
C PHE G 77 -36.40 10.94 10.80
N PHE G 78 -36.26 10.58 12.06
CA PHE G 78 -37.20 11.04 13.09
C PHE G 78 -36.57 10.88 14.47
N VAL G 79 -36.03 11.99 14.98
CA VAL G 79 -35.38 12.04 16.27
C VAL G 79 -36.35 12.56 17.30
N GLN G 80 -36.47 11.87 18.42
CA GLN G 80 -37.32 12.34 19.50
C GLN G 80 -36.51 12.41 20.79
N PHE G 81 -36.43 13.61 21.39
CA PHE G 81 -35.70 13.78 22.64
C PHE G 81 -36.66 13.42 23.77
N GLU G 82 -36.28 12.44 24.59
CA GLU G 82 -37.09 11.98 25.73
C GLU G 82 -36.33 12.16 27.03
N LYS G 83 -37.10 12.22 28.12
CA LYS G 83 -36.54 12.37 29.46
C LYS G 83 -37.14 11.24 30.28
N GLY G 84 -36.30 10.31 30.71
CA GLY G 84 -36.81 9.17 31.48
C GLY G 84 -36.46 9.15 32.94
N SER G 85 -36.61 7.96 33.53
CA SER G 85 -36.33 7.75 34.95
C SER G 85 -34.83 7.73 35.24
N GLU G 86 -34.02 7.34 34.26
CA GLU G 86 -32.58 7.30 34.45
C GLU G 86 -31.92 8.59 33.95
N TYR G 87 -32.11 8.88 32.65
CA TYR G 87 -31.58 10.10 32.05
C TYR G 87 -32.12 10.40 30.66
N PHE G 88 -31.84 11.60 30.17
CA PHE G 88 -32.30 12.02 28.86
C PHE G 88 -31.65 11.16 27.79
N HIS G 89 -32.41 10.84 26.74
CA HIS G 89 -31.89 10.02 25.65
C HIS G 89 -32.56 10.21 24.31
N LEU G 90 -31.78 10.59 23.30
CA LEU G 90 -32.30 10.80 21.96
C LEU G 90 -32.75 9.54 21.23
N HIS G 91 -34.03 9.46 20.90
CA HIS G 91 -34.52 8.33 20.12
C HIS G 91 -34.32 8.69 18.64
N THR G 92 -33.35 8.06 18.00
CA THR G 92 -33.06 8.34 16.59
C THR G 92 -33.47 7.21 15.65
N LEU G 93 -34.17 7.57 14.58
CA LEU G 93 -34.64 6.62 13.56
C LEU G 93 -34.21 7.05 12.19
N VAL G 94 -33.18 6.41 11.66
CA VAL G 94 -32.70 6.74 10.33
C VAL G 94 -33.04 5.60 9.40
N GLU G 95 -33.13 5.89 8.10
CA GLU G 95 -33.47 4.85 7.14
C GLU G 95 -32.24 4.03 6.76
N THR G 96 -32.44 2.73 6.80
CA THR G 96 -31.43 1.74 6.49
C THR G 96 -30.76 1.94 5.12
N SER G 97 -31.52 2.43 4.15
CA SER G 97 -31.02 2.68 2.78
C SER G 97 -29.54 3.07 2.75
N GLY G 98 -28.67 2.09 2.52
CA GLY G 98 -27.24 2.37 2.44
C GLY G 98 -26.36 1.73 3.50
N ILE G 99 -26.96 1.35 4.62
CA ILE G 99 -26.21 0.75 5.71
C ILE G 99 -26.71 -0.67 6.00
N SER G 100 -25.94 -1.69 5.60
CA SER G 100 -26.35 -3.06 5.81
C SER G 100 -26.39 -3.43 7.29
N SER G 101 -27.12 -4.49 7.61
CA SER G 101 -27.25 -4.98 8.97
C SER G 101 -25.91 -5.60 9.47
N MET G 102 -24.97 -5.89 8.58
CA MET G 102 -23.74 -6.47 9.06
C MET G 102 -22.63 -5.43 9.28
N VAL G 103 -22.94 -4.16 9.07
CA VAL G 103 -21.97 -3.08 9.26
C VAL G 103 -22.47 -1.83 10.00
N LEU G 104 -23.75 -1.82 10.37
CA LEU G 104 -24.29 -0.68 11.09
C LEU G 104 -23.35 -0.26 12.23
N GLY G 105 -22.83 -1.25 12.95
CA GLY G 105 -21.92 -0.95 14.04
C GLY G 105 -20.73 -0.09 13.67
N ARG G 106 -19.80 -0.65 12.92
CA ARG G 106 -18.61 0.11 12.53
C ARG G 106 -18.94 1.54 12.12
N TYR G 107 -20.11 1.77 11.55
CA TYR G 107 -20.43 3.12 11.13
C TYR G 107 -20.90 4.02 12.27
N VAL G 108 -21.64 3.46 13.21
CA VAL G 108 -22.09 4.21 14.38
C VAL G 108 -20.89 4.48 15.29
N SER G 109 -20.04 3.47 15.47
CA SER G 109 -18.86 3.62 16.31
C SER G 109 -18.08 4.83 15.86
N GLN G 110 -17.99 5.03 14.55
CA GLN G 110 -17.26 6.18 14.01
C GLN G 110 -17.97 7.46 14.39
N ILE G 111 -19.29 7.44 14.27
CA ILE G 111 -20.09 8.60 14.63
C ILE G 111 -19.82 8.87 16.10
N ARG G 112 -20.05 7.86 16.95
CA ARG G 112 -19.81 8.05 18.36
C ARG G 112 -18.47 8.79 18.52
N ALA G 113 -17.38 8.23 18.00
CA ALA G 113 -16.08 8.87 18.14
C ALA G 113 -16.11 10.34 17.69
N GLN G 114 -16.94 10.62 16.69
CA GLN G 114 -17.08 11.98 16.16
C GLN G 114 -17.82 12.91 17.13
N LEU G 115 -18.90 12.40 17.73
CA LEU G 115 -19.69 13.17 18.68
C LEU G 115 -18.77 13.65 19.79
N VAL G 116 -17.96 12.72 20.31
CA VAL G 116 -17.04 13.05 21.39
C VAL G 116 -16.13 14.20 20.99
N LYS G 117 -15.44 14.05 19.86
CA LYS G 117 -14.51 15.08 19.41
C LYS G 117 -15.18 16.45 19.17
N VAL G 118 -16.26 16.47 18.41
CA VAL G 118 -16.95 17.72 18.11
C VAL G 118 -17.78 18.27 19.25
N VAL G 119 -18.80 17.51 19.65
CA VAL G 119 -19.69 17.91 20.73
C VAL G 119 -19.06 18.00 22.11
N PHE G 120 -18.34 16.97 22.54
CA PHE G 120 -17.73 16.95 23.86
C PHE G 120 -16.24 17.22 23.95
N GLN G 121 -15.67 17.79 22.89
CA GLN G 121 -14.26 18.14 22.87
C GLN G 121 -13.33 17.02 23.33
N GLY G 122 -13.42 15.86 22.68
CA GLY G 122 -12.57 14.74 23.04
C GLY G 122 -12.71 14.21 24.45
N ILE G 123 -13.86 14.44 25.09
CA ILE G 123 -14.08 13.96 26.45
C ILE G 123 -15.07 12.80 26.47
N GLU G 124 -14.62 11.61 26.87
CA GLU G 124 -15.52 10.45 26.89
C GLU G 124 -16.60 10.51 27.98
N PRO G 125 -17.87 10.73 27.60
CA PRO G 125 -18.96 10.79 28.56
C PRO G 125 -18.96 9.61 29.50
N GLN G 126 -18.97 9.88 30.80
CA GLN G 126 -18.98 8.79 31.74
C GLN G 126 -20.39 8.25 31.95
N ILE G 127 -20.97 7.74 30.87
CA ILE G 127 -22.31 7.16 30.93
C ILE G 127 -22.29 5.80 30.24
N ASN G 128 -22.77 4.79 30.95
CA ASN G 128 -22.80 3.44 30.42
C ASN G 128 -23.64 3.29 29.13
N ASP G 129 -23.01 2.91 28.02
CA ASP G 129 -23.70 2.72 26.73
C ASP G 129 -24.50 3.94 26.33
N TRP G 130 -23.84 5.06 26.15
CA TRP G 130 -24.61 6.22 25.81
C TRP G 130 -25.00 6.23 24.35
N VAL G 131 -24.51 5.27 23.59
CA VAL G 131 -24.85 5.20 22.16
C VAL G 131 -25.17 3.77 21.72
N ALA G 132 -26.35 3.28 22.07
CA ALA G 132 -26.73 1.92 21.76
C ALA G 132 -27.66 1.71 20.59
N ILE G 133 -27.31 0.71 19.79
CA ILE G 133 -28.11 0.35 18.64
C ILE G 133 -29.18 -0.60 19.14
N THR G 134 -30.43 -0.31 18.80
CA THR G 134 -31.55 -1.14 19.24
C THR G 134 -31.52 -2.48 18.52
N LYS G 135 -31.56 -3.55 19.32
CA LYS G 135 -31.52 -4.92 18.80
C LYS G 135 -32.89 -5.60 18.93
N VAL G 136 -33.04 -6.79 18.34
CA VAL G 136 -34.30 -7.52 18.42
C VAL G 136 -34.34 -8.16 19.77
N LYS G 137 -33.16 -8.42 20.28
CA LYS G 137 -33.01 -9.00 21.59
C LYS G 137 -31.55 -9.01 21.92
N LYS G 138 -31.26 -9.44 23.14
CA LYS G 138 -29.88 -9.50 23.60
C LYS G 138 -29.22 -10.65 22.80
N GLY G 139 -28.17 -10.30 22.06
CA GLY G 139 -27.47 -11.28 21.27
C GLY G 139 -28.16 -11.46 19.93
N GLY G 140 -29.20 -10.66 19.74
CA GLY G 140 -29.98 -10.71 18.52
C GLY G 140 -29.31 -9.90 17.44
N ALA G 141 -30.09 -9.62 16.39
CA ALA G 141 -29.58 -8.85 15.25
C ALA G 141 -30.15 -7.43 15.28
N ASN G 142 -29.47 -6.52 14.60
CA ASN G 142 -29.89 -5.14 14.53
C ASN G 142 -31.37 -5.04 14.10
N LYS G 143 -32.16 -4.36 14.91
CA LYS G 143 -33.58 -4.21 14.65
C LYS G 143 -33.75 -3.21 13.55
N VAL G 144 -34.92 -3.26 12.93
CA VAL G 144 -35.31 -2.38 11.84
C VAL G 144 -36.84 -2.35 11.71
N VAL G 145 -37.41 -1.19 12.00
CA VAL G 145 -38.84 -0.97 11.94
C VAL G 145 -39.20 -0.05 10.79
N ASP G 146 -40.49 -0.03 10.46
CA ASP G 146 -41.01 0.79 9.39
C ASP G 146 -41.63 2.07 9.96
N SER G 147 -42.02 2.96 9.05
CA SER G 147 -42.65 4.24 9.42
C SER G 147 -43.67 4.11 10.57
N GLY G 148 -44.40 3.00 10.59
CA GLY G 148 -45.42 2.79 11.62
C GLY G 148 -44.94 2.88 13.05
N TYR G 149 -43.65 2.64 13.23
CA TYR G 149 -43.06 2.68 14.57
C TYR G 149 -43.17 4.06 15.25
N ILE G 150 -43.13 5.14 14.47
CA ILE G 150 -43.21 6.49 15.01
C ILE G 150 -44.52 6.82 15.74
N PRO G 151 -45.65 6.62 15.07
CA PRO G 151 -46.92 6.91 15.74
C PRO G 151 -47.26 5.80 16.71
N ALA G 152 -46.60 4.65 16.56
CA ALA G 152 -46.89 3.50 17.41
C ALA G 152 -46.26 3.56 18.80
N TYR G 153 -45.04 4.07 18.88
CA TYR G 153 -44.32 4.15 20.15
C TYR G 153 -43.75 5.53 20.48
N LEU G 154 -43.41 6.30 19.46
CA LEU G 154 -42.81 7.61 19.68
C LEU G 154 -43.79 8.76 19.90
N LEU G 155 -44.77 8.89 19.03
CA LEU G 155 -45.73 9.99 19.16
C LEU G 155 -46.53 10.04 20.47
N PRO G 156 -47.10 8.91 20.90
CA PRO G 156 -47.89 8.87 22.14
C PRO G 156 -47.32 9.64 23.32
N LYS G 157 -45.99 9.71 23.39
CA LYS G 157 -45.28 10.39 24.47
C LYS G 157 -45.73 11.83 24.64
N VAL G 158 -45.98 12.20 25.90
CA VAL G 158 -46.40 13.56 26.25
C VAL G 158 -45.54 14.10 27.39
N GLN G 159 -45.35 15.41 27.41
CA GLN G 159 -44.57 16.07 28.45
C GLN G 159 -44.99 15.62 29.86
N PRO G 160 -44.05 15.61 30.82
CA PRO G 160 -42.63 15.97 30.67
C PRO G 160 -41.74 14.92 30.01
N GLU G 161 -42.25 13.69 29.84
CA GLU G 161 -41.49 12.61 29.21
C GLU G 161 -41.05 13.06 27.81
N LEU G 162 -41.97 13.72 27.10
CA LEU G 162 -41.66 14.21 25.76
C LEU G 162 -40.98 15.57 25.89
N GLN G 163 -39.84 15.75 25.24
CA GLN G 163 -39.16 17.02 25.35
C GLN G 163 -39.11 17.76 24.04
N TRP G 164 -38.85 17.03 22.96
CA TRP G 164 -38.77 17.66 21.65
C TRP G 164 -38.73 16.59 20.59
N ALA G 165 -38.60 17.03 19.35
CA ALA G 165 -38.56 16.11 18.24
C ALA G 165 -38.09 16.82 16.98
N TRP G 166 -37.76 16.02 15.99
CA TRP G 166 -37.29 16.52 14.70
C TRP G 166 -37.71 15.52 13.64
N THR G 167 -37.60 15.90 12.38
CA THR G 167 -37.97 15.00 11.27
C THR G 167 -38.17 15.69 9.93
N ASN G 168 -37.46 15.19 8.94
CA ASN G 168 -37.57 15.71 7.60
C ASN G 168 -38.62 14.89 6.90
N LEU G 169 -39.33 14.07 7.67
CA LEU G 169 -40.39 13.24 7.11
C LEU G 169 -41.70 14.03 7.20
N ASP G 170 -42.14 14.57 6.06
CA ASP G 170 -43.36 15.39 5.94
C ASP G 170 -44.57 14.91 6.74
N GLU G 171 -44.98 13.66 6.50
CA GLU G 171 -46.12 13.08 7.19
C GLU G 171 -46.24 13.36 8.70
N TYR G 172 -45.12 13.68 9.35
CA TYR G 172 -45.09 13.95 10.80
C TYR G 172 -44.43 15.26 11.21
N LYS G 173 -44.13 16.12 10.24
CA LYS G 173 -43.49 17.41 10.52
C LYS G 173 -44.32 18.30 11.47
N LEU G 174 -45.63 18.06 11.53
CA LEU G 174 -46.51 18.84 12.42
C LEU G 174 -46.68 18.13 13.75
N ALA G 175 -46.69 16.79 13.71
CA ALA G 175 -46.83 15.95 14.90
C ALA G 175 -45.60 16.05 15.80
N ALA G 176 -44.52 16.58 15.24
CA ALA G 176 -43.27 16.76 15.95
C ALA G 176 -43.49 17.50 17.26
N LEU G 177 -43.79 18.78 17.17
CA LEU G 177 -44.00 19.57 18.38
C LEU G 177 -45.47 19.95 18.65
N ASN G 178 -46.40 19.08 18.26
CA ASN G 178 -47.81 19.33 18.52
C ASN G 178 -48.57 18.10 19.06
N LEU G 179 -48.81 18.13 20.37
CA LEU G 179 -49.53 17.06 21.08
C LEU G 179 -50.89 16.80 20.45
N GLU G 180 -51.43 17.82 19.79
CA GLU G 180 -52.73 17.68 19.16
C GLU G 180 -52.59 16.86 17.90
N GLU G 181 -51.71 17.31 17.00
CA GLU G 181 -51.48 16.61 15.74
C GLU G 181 -51.18 15.14 16.02
N ARG G 182 -50.31 14.92 17.00
CA ARG G 182 -49.90 13.59 17.41
C ARG G 182 -51.10 12.74 17.78
N LYS G 183 -51.85 13.21 18.78
CA LYS G 183 -53.03 12.49 19.24
C LYS G 183 -53.92 12.06 18.06
N ARG G 184 -53.90 12.82 16.97
CA ARG G 184 -54.71 12.50 15.80
C ARG G 184 -54.14 11.26 15.10
N LEU G 185 -52.92 11.41 14.60
CA LEU G 185 -52.24 10.32 13.91
C LEU G 185 -52.15 9.09 14.81
N VAL G 186 -51.92 9.32 16.10
CA VAL G 186 -51.84 8.25 17.07
C VAL G 186 -53.17 7.50 17.07
N ALA G 187 -54.25 8.26 16.91
CA ALA G 187 -55.58 7.69 16.89
C ALA G 187 -55.77 6.90 15.60
N GLN G 188 -55.58 7.60 14.49
CA GLN G 188 -55.70 7.01 13.17
C GLN G 188 -54.95 5.69 13.07
N PHE G 189 -53.74 5.67 13.63
CA PHE G 189 -52.92 4.46 13.59
C PHE G 189 -53.58 3.25 14.24
N LEU G 190 -53.99 3.43 15.50
CA LEU G 190 -54.65 2.39 16.29
C LEU G 190 -55.92 1.88 15.60
N ALA G 191 -56.48 2.71 14.72
CA ALA G 191 -57.68 2.38 13.98
C ALA G 191 -57.36 1.48 12.78
N GLU G 192 -56.52 1.99 11.88
CA GLU G 192 -56.14 1.27 10.67
C GLU G 192 -55.24 0.08 10.97
N SER G 193 -55.72 -0.85 11.77
CA SER G 193 -54.98 -2.06 12.13
C SER G 193 -55.88 -3.14 12.80
#